data_6X82
#
_entry.id   6X82
#
_cell.length_a   84.902
_cell.length_b   113.920
_cell.length_c   120.730
_cell.angle_alpha   90.000
_cell.angle_beta   90.000
_cell.angle_gamma   90.000
#
_symmetry.space_group_name_H-M   'P 21 21 21'
#
loop_
_entity.id
_entity.type
_entity.pdbx_description
1 polymer 'Tumor necrosis factor'
2 non-polymer 8-[4-(2-{5-[(4-methylpiperazin-1-yl)methyl]-2-(1H-pyrrolo[3,2-c]pyridin-3-yl)phenoxy}ethyl)phenyl]isoquinoline
3 water water
#
_entity_poly.entity_id   1
_entity_poly.type   'polypeptide(L)'
_entity_poly.pdbx_seq_one_letter_code
;MVRSSSRTPSDKPVAHVVANPQAEGQLQWLNRRANALLANGVELRDNQLVVPSEGLYLIYSQVLFKGQGCPSTHVLLTHT
ISRIAVSYQTKVNLLSAIKSPCQRETPEGAEAKPWYEPIYLGGVFQLEKGDRLSAEINRPDYLDFAESGQVYFGIIAL
;
_entity_poly.pdbx_strand_id   A,B,C,D,E,F
#
loop_
_chem_comp.id
_chem_comp.type
_chem_comp.name
_chem_comp.formula
UTM non-polymer 8-[4-(2-{5-[(4-methylpiperazin-1-yl)methyl]-2-(1H-pyrrolo[3,2-c]pyridin-3-yl)phenoxy}ethyl)phenyl]isoquinoline 'C36 H35 N5 O'
#
# COMPACT_ATOMS: atom_id res chain seq x y z
N SER A 10 -31.98 -19.69 14.47
CA SER A 10 -31.45 -19.42 13.13
C SER A 10 -31.83 -20.49 12.07
N ASP A 11 -32.53 -20.03 11.02
CA ASP A 11 -33.09 -20.81 9.91
C ASP A 11 -32.20 -20.91 8.66
N LYS A 12 -30.99 -20.28 8.67
CA LYS A 12 -30.12 -20.29 7.50
C LYS A 12 -29.47 -21.63 7.23
N PRO A 13 -29.57 -22.12 5.98
CA PRO A 13 -28.95 -23.41 5.61
C PRO A 13 -27.41 -23.40 5.70
N VAL A 14 -26.85 -24.46 6.29
CA VAL A 14 -25.41 -24.69 6.45
C VAL A 14 -25.08 -26.19 6.33
N ALA A 15 -23.84 -26.51 5.95
CA ALA A 15 -23.27 -27.85 5.84
C ALA A 15 -21.75 -27.77 5.84
N HIS A 16 -21.11 -28.75 6.50
CA HIS A 16 -19.66 -28.93 6.55
C HIS A 16 -19.49 -30.42 6.52
N VAL A 17 -19.04 -30.93 5.37
CA VAL A 17 -18.86 -32.37 5.13
C VAL A 17 -17.39 -32.72 4.96
N VAL A 18 -17.01 -33.93 5.35
CA VAL A 18 -15.62 -34.35 5.30
C VAL A 18 -15.45 -35.66 4.47
N ALA A 19 -14.21 -35.95 4.06
CA ALA A 19 -13.91 -37.15 3.30
C ALA A 19 -14.22 -38.37 4.12
N ASN A 20 -14.89 -39.35 3.54
CA ASN A 20 -15.20 -40.58 4.25
C ASN A 20 -14.02 -41.54 4.14
N PRO A 21 -13.35 -41.84 5.28
CA PRO A 21 -12.17 -42.74 5.24
C PRO A 21 -12.48 -44.20 4.94
N GLN A 22 -13.76 -44.59 5.08
CA GLN A 22 -14.16 -45.97 4.82
C GLN A 22 -14.23 -46.19 3.32
N ALA A 23 -14.07 -45.09 2.56
CA ALA A 23 -14.16 -45.07 1.12
C ALA A 23 -12.87 -44.55 0.48
N GLU A 24 -11.69 -44.99 0.98
CA GLU A 24 -10.36 -44.64 0.43
C GLU A 24 -10.21 -45.11 -1.05
N GLY A 25 -9.56 -44.27 -1.85
CA GLY A 25 -9.37 -44.48 -3.29
C GLY A 25 -10.41 -43.70 -4.07
N GLN A 26 -11.31 -43.02 -3.36
CA GLN A 26 -12.40 -42.21 -3.88
C GLN A 26 -12.64 -41.06 -2.87
N LEU A 27 -13.05 -39.88 -3.34
CA LEU A 27 -13.39 -38.76 -2.44
C LEU A 27 -14.91 -38.78 -2.25
N GLN A 28 -15.38 -39.54 -1.24
CA GLN A 28 -16.78 -39.67 -0.91
C GLN A 28 -17.06 -38.83 0.34
N TRP A 29 -17.91 -37.81 0.21
CA TRP A 29 -18.25 -36.89 1.31
C TRP A 29 -19.24 -37.51 2.26
N LEU A 30 -19.06 -37.23 3.54
CA LEU A 30 -19.93 -37.72 4.60
C LEU A 30 -20.03 -36.69 5.70
N ASN A 31 -21.23 -36.58 6.30
CA ASN A 31 -21.51 -35.72 7.46
C ASN A 31 -21.12 -36.51 8.72
N ARG A 32 -19.81 -36.89 8.79
CA ARG A 32 -19.21 -37.66 9.90
C ARG A 32 -19.48 -37.07 11.26
N ARG A 33 -19.69 -37.91 12.25
CA ARG A 33 -20.09 -37.54 13.63
C ARG A 33 -19.12 -36.59 14.39
N ALA A 34 -17.83 -36.72 14.17
CA ALA A 34 -16.87 -35.90 14.91
C ALA A 34 -16.82 -34.40 14.57
N ASN A 35 -16.75 -34.06 13.27
CA ASN A 35 -16.52 -32.72 12.75
C ASN A 35 -17.37 -32.31 11.56
N ALA A 36 -18.43 -33.05 11.25
CA ALA A 36 -19.24 -32.74 10.08
C ALA A 36 -20.72 -32.75 10.42
N LEU A 37 -21.54 -32.10 9.56
CA LEU A 37 -22.98 -31.91 9.75
C LEU A 37 -23.72 -31.40 8.49
N LEU A 38 -25.05 -31.44 8.52
CA LEU A 38 -25.98 -30.88 7.53
C LEU A 38 -27.05 -30.22 8.39
N ALA A 39 -27.48 -28.99 8.06
CA ALA A 39 -28.49 -28.30 8.87
C ALA A 39 -29.39 -27.43 8.06
N ASN A 40 -30.63 -27.19 8.56
CA ASN A 40 -31.65 -26.34 7.96
C ASN A 40 -31.93 -26.59 6.47
N GLY A 41 -32.14 -27.86 6.11
CA GLY A 41 -32.56 -28.27 4.76
C GLY A 41 -31.51 -28.81 3.83
N VAL A 42 -30.21 -28.64 4.17
CA VAL A 42 -29.15 -29.12 3.28
C VAL A 42 -29.09 -30.62 3.36
N GLU A 43 -29.19 -31.24 2.19
CA GLU A 43 -29.13 -32.69 2.05
C GLU A 43 -27.82 -33.05 1.37
N LEU A 44 -27.37 -34.30 1.57
CA LEU A 44 -26.21 -34.86 0.92
C LEU A 44 -26.77 -36.01 0.08
N ARG A 45 -26.77 -35.88 -1.27
CA ARG A 45 -27.33 -36.87 -2.21
C ARG A 45 -26.41 -37.07 -3.43
N ASP A 46 -26.04 -38.34 -3.71
CA ASP A 46 -25.18 -38.73 -4.82
C ASP A 46 -23.85 -37.96 -4.79
N ASN A 47 -23.27 -37.87 -3.57
CA ASN A 47 -22.01 -37.19 -3.26
C ASN A 47 -22.08 -35.68 -3.49
N GLN A 48 -23.30 -35.11 -3.50
CA GLN A 48 -23.52 -33.68 -3.74
C GLN A 48 -24.28 -32.99 -2.60
N LEU A 49 -24.00 -31.70 -2.37
CA LEU A 49 -24.74 -30.92 -1.39
C LEU A 49 -25.92 -30.32 -2.12
N VAL A 50 -27.15 -30.47 -1.57
CA VAL A 50 -28.41 -30.00 -2.17
C VAL A 50 -28.90 -28.70 -1.46
N VAL A 51 -29.08 -27.63 -2.20
CA VAL A 51 -29.52 -26.33 -1.70
C VAL A 51 -31.04 -26.30 -1.44
N PRO A 52 -31.50 -25.96 -0.21
CA PRO A 52 -32.95 -25.96 0.05
C PRO A 52 -33.66 -24.67 -0.37
N SER A 53 -32.93 -23.56 -0.49
CA SER A 53 -33.52 -22.27 -0.86
C SER A 53 -32.57 -21.33 -1.59
N GLU A 54 -33.16 -20.41 -2.36
CA GLU A 54 -32.49 -19.36 -3.12
C GLU A 54 -31.72 -18.40 -2.18
N GLY A 55 -30.59 -17.87 -2.64
CA GLY A 55 -29.83 -16.90 -1.87
C GLY A 55 -28.35 -16.96 -2.14
N LEU A 56 -27.61 -16.05 -1.48
CA LEU A 56 -26.16 -16.00 -1.58
C LEU A 56 -25.60 -16.99 -0.58
N TYR A 57 -24.60 -17.76 -1.01
CA TYR A 57 -23.96 -18.76 -0.19
C TYR A 57 -22.49 -18.65 -0.34
N LEU A 58 -21.78 -18.86 0.78
CA LEU A 58 -20.35 -18.99 0.82
C LEU A 58 -20.11 -20.48 0.57
N ILE A 59 -19.40 -20.80 -0.51
CA ILE A 59 -19.03 -22.19 -0.82
C ILE A 59 -17.52 -22.28 -0.63
N TYR A 60 -17.04 -23.31 0.06
CA TYR A 60 -15.63 -23.49 0.32
C TYR A 60 -15.26 -24.96 0.39
N SER A 61 -13.99 -25.25 0.14
CA SER A 61 -13.41 -26.60 0.22
C SER A 61 -11.88 -26.58 0.32
N GLN A 62 -11.31 -27.59 0.96
CA GLN A 62 -9.89 -27.81 0.98
C GLN A 62 -9.56 -29.29 0.90
N VAL A 63 -8.73 -29.68 -0.08
CA VAL A 63 -8.25 -31.05 -0.22
C VAL A 63 -6.72 -31.08 -0.04
N LEU A 64 -6.19 -32.18 0.52
CA LEU A 64 -4.77 -32.34 0.68
C LEU A 64 -4.29 -33.58 -0.04
N PHE A 65 -3.39 -33.38 -1.03
CA PHE A 65 -2.73 -34.44 -1.77
C PHE A 65 -1.36 -34.72 -1.14
N LYS A 66 -0.88 -35.99 -1.25
CA LYS A 66 0.41 -36.46 -0.74
C LYS A 66 0.90 -37.62 -1.61
N GLY A 67 2.16 -37.54 -2.00
CA GLY A 67 2.85 -38.58 -2.76
C GLY A 67 4.25 -38.76 -2.22
N GLN A 68 4.85 -39.94 -2.43
CA GLN A 68 6.25 -40.20 -2.03
C GLN A 68 7.06 -40.18 -3.31
N GLY A 69 7.92 -39.18 -3.44
CA GLY A 69 8.77 -38.99 -4.62
C GLY A 69 8.07 -38.47 -5.86
N CYS A 70 8.88 -38.03 -6.85
CA CYS A 70 8.49 -37.44 -8.13
C CYS A 70 8.96 -38.28 -9.34
N PRO A 71 8.24 -39.37 -9.69
CA PRO A 71 8.72 -40.22 -10.77
C PRO A 71 8.01 -40.02 -12.12
N SER A 72 8.33 -40.93 -13.07
CA SER A 72 7.86 -41.12 -14.46
C SER A 72 7.68 -39.83 -15.29
N THR A 73 6.63 -39.02 -15.02
CA THR A 73 6.39 -37.79 -15.78
C THR A 73 6.00 -36.64 -14.80
N HIS A 74 5.08 -35.73 -15.22
CA HIS A 74 4.68 -34.61 -14.39
C HIS A 74 3.16 -34.60 -14.15
N VAL A 75 2.87 -35.00 -12.90
CA VAL A 75 1.61 -35.18 -12.21
C VAL A 75 0.84 -33.86 -12.12
N LEU A 76 -0.47 -33.91 -12.40
CA LEU A 76 -1.38 -32.79 -12.33
C LEU A 76 -2.51 -33.11 -11.35
N LEU A 77 -2.69 -32.24 -10.34
CA LEU A 77 -3.70 -32.37 -9.32
C LEU A 77 -4.70 -31.28 -9.52
N THR A 78 -5.97 -31.66 -9.59
CA THR A 78 -7.04 -30.68 -9.78
C THR A 78 -8.10 -30.83 -8.72
N HIS A 79 -8.75 -29.70 -8.42
CA HIS A 79 -9.86 -29.64 -7.50
C HIS A 79 -10.87 -28.74 -8.14
N THR A 80 -12.14 -29.12 -8.09
CA THR A 80 -13.25 -28.46 -8.79
C THR A 80 -14.53 -28.49 -8.02
N ILE A 81 -15.20 -27.33 -7.94
CA ILE A 81 -16.53 -27.16 -7.36
C ILE A 81 -17.48 -26.74 -8.50
N SER A 82 -18.49 -27.55 -8.78
CA SER A 82 -19.47 -27.30 -9.83
C SER A 82 -20.89 -27.25 -9.29
N ARG A 83 -21.78 -26.57 -10.01
CA ARG A 83 -23.19 -26.43 -9.67
C ARG A 83 -24.07 -26.99 -10.79
N ILE A 84 -25.12 -27.78 -10.43
CA ILE A 84 -26.14 -28.27 -11.34
C ILE A 84 -27.48 -27.67 -10.89
N ALA A 85 -28.10 -26.82 -11.74
CA ALA A 85 -29.41 -26.19 -11.54
C ALA A 85 -30.43 -27.20 -11.99
N VAL A 86 -31.65 -27.22 -11.40
CA VAL A 86 -32.64 -28.22 -11.80
C VAL A 86 -33.20 -27.90 -13.21
N SER A 87 -33.25 -26.59 -13.59
CA SER A 87 -33.74 -26.13 -14.89
C SER A 87 -32.71 -26.47 -15.93
N TYR A 88 -33.13 -27.34 -16.90
CA TYR A 88 -32.30 -27.85 -18.01
C TYR A 88 -31.13 -28.72 -17.54
N GLN A 89 -31.00 -28.96 -16.23
CA GLN A 89 -29.89 -29.66 -15.58
C GLN A 89 -28.60 -28.96 -15.99
N THR A 90 -28.57 -27.61 -15.89
CA THR A 90 -27.43 -26.79 -16.29
C THR A 90 -26.27 -26.90 -15.31
N LYS A 91 -25.13 -27.39 -15.81
CA LYS A 91 -23.89 -27.61 -15.07
C LYS A 91 -22.91 -26.55 -15.43
N VAL A 92 -22.32 -25.94 -14.42
CA VAL A 92 -21.39 -24.82 -14.52
C VAL A 92 -20.24 -25.05 -13.52
N ASN A 93 -19.01 -24.65 -13.88
CA ASN A 93 -17.87 -24.72 -12.98
C ASN A 93 -17.87 -23.40 -12.21
N LEU A 94 -17.96 -23.49 -10.85
CA LEU A 94 -17.97 -22.32 -9.98
C LEU A 94 -16.55 -21.95 -9.63
N LEU A 95 -15.76 -22.92 -9.12
CA LEU A 95 -14.37 -22.78 -8.72
C LEU A 95 -13.59 -23.99 -9.19
N SER A 96 -12.31 -23.78 -9.57
CA SER A 96 -11.37 -24.82 -9.99
C SER A 96 -9.94 -24.33 -9.83
N ALA A 97 -9.00 -25.25 -9.63
CA ALA A 97 -7.60 -24.96 -9.46
C ALA A 97 -6.77 -26.15 -9.89
N ILE A 98 -5.62 -25.90 -10.54
CA ILE A 98 -4.67 -26.91 -11.04
C ILE A 98 -3.33 -26.70 -10.33
N LYS A 99 -2.67 -27.80 -9.93
CA LYS A 99 -1.37 -27.75 -9.26
C LYS A 99 -0.45 -28.88 -9.72
N SER A 100 0.84 -28.57 -9.90
CA SER A 100 1.84 -29.55 -10.33
C SER A 100 2.83 -29.71 -9.20
N PRO A 101 2.70 -30.80 -8.44
CA PRO A 101 3.58 -31.01 -7.27
C PRO A 101 5.05 -31.36 -7.57
N CYS A 102 5.36 -31.72 -8.83
CA CYS A 102 6.70 -32.15 -9.15
C CYS A 102 7.47 -31.28 -10.15
N GLN A 103 8.73 -31.01 -9.77
CA GLN A 103 9.75 -30.24 -10.47
C GLN A 103 11.02 -31.12 -10.72
N ARG A 104 10.80 -32.40 -11.16
CA ARG A 104 11.77 -33.47 -11.48
C ARG A 104 12.41 -34.11 -10.22
N GLU A 105 12.73 -35.44 -10.33
CA GLU A 105 13.37 -36.34 -9.35
C GLU A 105 13.63 -37.69 -10.04
N ALA A 112 14.04 -41.08 -2.32
CA ALA A 112 12.79 -40.38 -2.64
C ALA A 112 12.10 -39.78 -1.42
N LYS A 113 11.76 -38.46 -1.50
CA LYS A 113 11.13 -37.71 -0.41
C LYS A 113 9.64 -37.29 -0.65
N PRO A 114 8.76 -37.54 0.35
CA PRO A 114 7.33 -37.20 0.19
C PRO A 114 7.02 -35.73 0.01
N TRP A 115 6.00 -35.44 -0.82
CA TRP A 115 5.51 -34.09 -1.09
C TRP A 115 4.07 -33.90 -0.59
N TYR A 116 3.69 -32.66 -0.28
CA TYR A 116 2.37 -32.28 0.20
C TYR A 116 1.85 -31.09 -0.60
N GLU A 117 0.69 -31.27 -1.27
CA GLU A 117 0.10 -30.26 -2.13
C GLU A 117 -1.35 -29.95 -1.75
N PRO A 118 -1.62 -28.94 -0.91
CA PRO A 118 -3.02 -28.63 -0.61
C PRO A 118 -3.64 -27.80 -1.70
N ILE A 119 -4.94 -27.96 -1.92
CA ILE A 119 -5.70 -27.13 -2.85
C ILE A 119 -6.89 -26.68 -2.05
N TYR A 120 -7.14 -25.37 -2.03
CA TYR A 120 -8.22 -24.69 -1.29
C TYR A 120 -8.95 -23.75 -2.22
N LEU A 121 -10.27 -23.80 -2.21
CA LEU A 121 -11.14 -23.00 -3.06
C LEU A 121 -12.26 -22.42 -2.19
N GLY A 122 -12.77 -21.27 -2.56
CA GLY A 122 -13.88 -20.63 -1.89
C GLY A 122 -14.39 -19.38 -2.57
N GLY A 123 -15.65 -19.08 -2.40
CA GLY A 123 -16.26 -17.87 -2.94
C GLY A 123 -17.70 -17.73 -2.52
N VAL A 124 -18.31 -16.57 -2.83
CA VAL A 124 -19.71 -16.26 -2.56
C VAL A 124 -20.49 -16.32 -3.88
N PHE A 125 -21.55 -17.12 -3.92
CA PHE A 125 -22.33 -17.39 -5.13
C PHE A 125 -23.83 -17.34 -4.92
N GLN A 126 -24.57 -16.93 -5.97
CA GLN A 126 -26.02 -16.92 -5.92
C GLN A 126 -26.52 -18.29 -6.34
N LEU A 127 -27.14 -19.00 -5.41
CA LEU A 127 -27.67 -20.34 -5.65
C LEU A 127 -29.19 -20.35 -5.62
N GLU A 128 -29.82 -21.31 -6.32
CA GLU A 128 -31.26 -21.48 -6.41
C GLU A 128 -31.69 -22.76 -5.69
N LYS A 129 -32.99 -22.84 -5.32
CA LYS A 129 -33.61 -24.01 -4.67
C LYS A 129 -33.40 -25.25 -5.59
N GLY A 130 -32.86 -26.32 -5.02
CA GLY A 130 -32.60 -27.55 -5.76
C GLY A 130 -31.21 -27.66 -6.37
N ASP A 131 -30.40 -26.60 -6.31
CA ASP A 131 -29.02 -26.63 -6.83
C ASP A 131 -28.22 -27.72 -6.13
N ARG A 132 -27.45 -28.47 -6.92
CA ARG A 132 -26.62 -29.54 -6.43
C ARG A 132 -25.20 -29.07 -6.64
N LEU A 133 -24.36 -29.23 -5.61
CA LEU A 133 -22.96 -28.80 -5.64
C LEU A 133 -22.09 -29.96 -5.41
N SER A 134 -21.15 -30.20 -6.30
CA SER A 134 -20.17 -31.27 -6.17
C SER A 134 -18.77 -30.69 -6.00
N ALA A 135 -17.89 -31.38 -5.27
CA ALA A 135 -16.48 -31.04 -5.06
C ALA A 135 -15.68 -32.28 -5.46
N GLU A 136 -15.00 -32.19 -6.62
CA GLU A 136 -14.30 -33.35 -7.20
C GLU A 136 -12.81 -33.20 -7.42
N ILE A 137 -12.06 -34.29 -7.28
CA ILE A 137 -10.61 -34.35 -7.51
C ILE A 137 -10.31 -35.35 -8.65
N ASN A 138 -9.23 -35.13 -9.40
CA ASN A 138 -8.84 -36.00 -10.51
C ASN A 138 -7.98 -37.20 -10.06
N ARG A 139 -7.29 -37.07 -8.90
CA ARG A 139 -6.36 -38.06 -8.37
C ARG A 139 -6.70 -38.47 -6.96
N PRO A 140 -7.72 -39.37 -6.78
CA PRO A 140 -8.11 -39.82 -5.43
C PRO A 140 -7.06 -40.71 -4.76
N ASP A 141 -6.17 -41.29 -5.57
CA ASP A 141 -5.07 -42.13 -5.09
C ASP A 141 -4.02 -41.34 -4.31
N TYR A 142 -3.97 -40.00 -4.49
CA TYR A 142 -3.05 -39.08 -3.80
C TYR A 142 -3.69 -38.39 -2.58
N LEU A 143 -5.00 -38.56 -2.41
CA LEU A 143 -5.73 -37.93 -1.31
C LEU A 143 -5.19 -38.44 0.03
N ASP A 144 -4.92 -37.51 0.95
CA ASP A 144 -4.38 -37.88 2.24
C ASP A 144 -5.48 -38.05 3.28
N PHE A 145 -5.59 -39.27 3.87
CA PHE A 145 -6.58 -39.61 4.89
C PHE A 145 -5.90 -39.72 6.27
N ALA A 146 -4.79 -38.98 6.44
CA ALA A 146 -4.00 -39.06 7.66
C ALA A 146 -4.69 -38.42 8.88
N GLU A 147 -4.96 -37.08 8.84
CA GLU A 147 -5.58 -36.39 9.98
C GLU A 147 -7.03 -35.98 9.74
N SER A 148 -7.82 -36.10 10.82
CA SER A 148 -9.25 -35.86 11.00
C SER A 148 -9.93 -34.81 10.05
N GLY A 149 -9.42 -33.54 9.98
CA GLY A 149 -10.10 -32.51 9.18
C GLY A 149 -9.35 -31.69 8.14
N GLN A 150 -8.63 -32.35 7.25
CA GLN A 150 -7.85 -31.71 6.21
C GLN A 150 -8.56 -31.73 4.87
N VAL A 151 -9.57 -32.61 4.73
CA VAL A 151 -10.36 -32.74 3.51
C VAL A 151 -11.82 -32.43 3.87
N TYR A 152 -12.31 -31.26 3.43
CA TYR A 152 -13.65 -30.79 3.74
C TYR A 152 -14.28 -30.00 2.63
N PHE A 153 -15.63 -29.88 2.67
CA PHE A 153 -16.44 -29.16 1.69
C PHE A 153 -17.62 -28.59 2.47
N GLY A 154 -17.96 -27.32 2.25
CA GLY A 154 -19.08 -26.74 2.95
C GLY A 154 -19.80 -25.62 2.25
N ILE A 155 -20.99 -25.28 2.73
CA ILE A 155 -21.81 -24.17 2.28
C ILE A 155 -22.42 -23.45 3.48
N ILE A 156 -22.39 -22.10 3.46
CA ILE A 156 -22.95 -21.27 4.53
C ILE A 156 -23.78 -20.20 3.88
N ALA A 157 -25.11 -20.20 4.13
CA ALA A 157 -25.94 -19.16 3.53
C ALA A 157 -25.60 -17.90 4.25
N LEU A 158 -25.42 -16.79 3.51
CA LEU A 158 -25.16 -15.44 4.06
C LEU A 158 -26.48 -14.86 4.69
N SER B 10 -36.33 -6.47 12.07
CA SER B 10 -36.27 -7.43 10.97
C SER B 10 -34.85 -7.62 10.37
N ASP B 11 -34.12 -6.51 10.02
CA ASP B 11 -32.81 -6.66 9.37
C ASP B 11 -31.65 -5.79 9.92
N LYS B 12 -30.43 -6.30 9.61
CA LYS B 12 -29.09 -5.87 10.01
C LYS B 12 -28.21 -5.39 8.83
N PRO B 13 -27.33 -4.39 9.08
CA PRO B 13 -26.45 -3.89 8.01
C PRO B 13 -25.52 -4.92 7.38
N VAL B 14 -25.53 -5.01 6.04
CA VAL B 14 -24.65 -5.89 5.26
C VAL B 14 -24.08 -5.21 4.01
N ALA B 15 -22.97 -5.76 3.49
CA ALA B 15 -22.38 -5.40 2.20
C ALA B 15 -21.51 -6.54 1.70
N HIS B 16 -21.63 -6.81 0.41
CA HIS B 16 -20.78 -7.73 -0.30
C HIS B 16 -20.45 -7.02 -1.63
N VAL B 17 -19.24 -6.45 -1.68
CA VAL B 17 -18.72 -5.73 -2.84
C VAL B 17 -17.68 -6.58 -3.58
N VAL B 18 -17.66 -6.46 -4.91
CA VAL B 18 -16.78 -7.24 -5.77
C VAL B 18 -15.81 -6.32 -6.53
N ALA B 19 -14.63 -6.82 -6.93
CA ALA B 19 -13.66 -6.00 -7.65
C ALA B 19 -14.03 -5.82 -9.13
N ASN B 20 -13.66 -4.68 -9.72
CA ASN B 20 -13.90 -4.35 -11.11
C ASN B 20 -12.83 -4.99 -11.99
N PRO B 21 -13.20 -5.89 -12.94
CA PRO B 21 -12.16 -6.50 -13.81
C PRO B 21 -11.59 -5.51 -14.83
N GLN B 22 -12.32 -4.43 -15.13
CA GLN B 22 -11.93 -3.40 -16.10
C GLN B 22 -10.90 -2.37 -15.56
N ALA B 23 -10.75 -2.28 -14.23
CA ALA B 23 -9.82 -1.38 -13.55
C ALA B 23 -8.43 -2.05 -13.51
N GLU B 24 -7.73 -1.96 -14.66
CA GLU B 24 -6.44 -2.55 -14.92
C GLU B 24 -5.35 -2.11 -13.92
N GLY B 25 -4.71 -3.12 -13.29
CA GLY B 25 -3.66 -2.99 -12.30
C GLY B 25 -4.10 -2.32 -11.03
N GLN B 26 -5.40 -2.44 -10.70
CA GLN B 26 -6.02 -1.81 -9.54
C GLN B 26 -7.05 -2.71 -8.85
N LEU B 27 -7.36 -2.42 -7.57
CA LEU B 27 -8.38 -3.10 -6.77
C LEU B 27 -9.48 -2.07 -6.47
N GLN B 28 -10.48 -2.04 -7.36
CA GLN B 28 -11.60 -1.09 -7.25
C GLN B 28 -12.85 -1.89 -7.01
N TRP B 29 -13.49 -1.64 -5.87
CA TRP B 29 -14.71 -2.29 -5.40
C TRP B 29 -15.98 -1.72 -6.04
N LEU B 30 -16.96 -2.60 -6.32
CA LEU B 30 -18.25 -2.29 -6.96
C LEU B 30 -19.43 -2.89 -6.18
N ASN B 31 -20.62 -2.22 -6.23
CA ASN B 31 -21.86 -2.59 -5.54
C ASN B 31 -22.97 -3.05 -6.50
N LEU B 38 -24.88 -5.01 -0.29
CA LEU B 38 -24.96 -3.59 0.07
C LEU B 38 -26.40 -3.16 0.51
N ALA B 39 -26.65 -3.11 1.85
CA ALA B 39 -27.97 -2.84 2.44
C ALA B 39 -27.94 -2.33 3.88
N ASN B 40 -29.09 -1.80 4.34
CA ASN B 40 -29.37 -1.29 5.69
C ASN B 40 -28.31 -0.27 6.21
N GLY B 41 -27.98 0.71 5.37
CA GLY B 41 -27.05 1.78 5.73
C GLY B 41 -25.58 1.57 5.39
N VAL B 42 -25.15 0.32 4.99
CA VAL B 42 -23.74 0.08 4.62
C VAL B 42 -23.50 0.70 3.27
N GLU B 43 -22.68 1.75 3.22
CA GLU B 43 -22.35 2.44 1.99
C GLU B 43 -20.92 2.19 1.56
N LEU B 44 -20.73 2.21 0.24
CA LEU B 44 -19.43 2.11 -0.41
C LEU B 44 -19.07 3.53 -0.82
N ARG B 45 -18.08 4.13 -0.16
CA ARG B 45 -17.67 5.51 -0.44
C ARG B 45 -16.16 5.64 -0.43
N ASP B 46 -15.60 6.27 -1.48
CA ASP B 46 -14.14 6.43 -1.64
C ASP B 46 -13.40 5.05 -1.61
N ASN B 47 -13.98 4.03 -2.29
CA ASN B 47 -13.47 2.65 -2.36
C ASN B 47 -13.40 1.98 -0.97
N GLN B 48 -14.17 2.50 0.00
CA GLN B 48 -14.22 2.04 1.39
C GLN B 48 -15.63 1.72 1.83
N LEU B 49 -15.77 0.74 2.74
CA LEU B 49 -17.07 0.40 3.33
C LEU B 49 -17.27 1.29 4.56
N VAL B 50 -18.47 1.93 4.66
CA VAL B 50 -18.82 2.87 5.74
C VAL B 50 -19.80 2.20 6.70
N VAL B 51 -19.41 2.12 7.98
CA VAL B 51 -20.22 1.51 9.04
C VAL B 51 -21.39 2.45 9.40
N PRO B 52 -22.68 2.00 9.29
CA PRO B 52 -23.80 2.91 9.60
C PRO B 52 -24.13 3.09 11.07
N SER B 53 -23.81 2.09 11.91
CA SER B 53 -24.12 2.10 13.34
C SER B 53 -23.13 1.26 14.14
N GLU B 54 -23.00 1.59 15.43
CA GLU B 54 -22.12 0.91 16.35
C GLU B 54 -22.60 -0.56 16.51
N GLY B 55 -21.64 -1.47 16.69
CA GLY B 55 -21.94 -2.88 16.87
C GLY B 55 -20.86 -3.84 16.42
N LEU B 56 -21.17 -5.13 16.57
CA LEU B 56 -20.30 -6.24 16.16
C LEU B 56 -20.50 -6.57 14.69
N TYR B 57 -19.40 -6.61 13.94
CA TYR B 57 -19.45 -6.92 12.52
C TYR B 57 -18.50 -8.03 12.13
N LEU B 58 -18.96 -8.93 11.23
CA LEU B 58 -18.09 -9.94 10.62
C LEU B 58 -17.52 -9.23 9.40
N ILE B 59 -16.20 -9.09 9.32
CA ILE B 59 -15.53 -8.42 8.20
C ILE B 59 -14.77 -9.52 7.49
N TYR B 60 -14.85 -9.59 6.17
CA TYR B 60 -14.23 -10.66 5.39
C TYR B 60 -13.87 -10.19 4.00
N SER B 61 -12.81 -10.81 3.43
CA SER B 61 -12.39 -10.57 2.06
C SER B 61 -11.60 -11.70 1.44
N GLN B 62 -11.59 -11.71 0.11
CA GLN B 62 -10.75 -12.61 -0.67
C GLN B 62 -10.18 -11.88 -1.87
N VAL B 63 -8.93 -12.17 -2.18
CA VAL B 63 -8.23 -11.64 -3.37
C VAL B 63 -7.58 -12.83 -4.05
N LEU B 64 -7.38 -12.75 -5.34
CA LEU B 64 -6.67 -13.78 -6.11
C LEU B 64 -5.48 -13.12 -6.82
N PHE B 65 -4.28 -13.74 -6.73
CA PHE B 65 -3.08 -13.31 -7.45
C PHE B 65 -2.67 -14.35 -8.46
N LYS B 66 -2.13 -13.87 -9.59
CA LYS B 66 -1.60 -14.70 -10.68
C LYS B 66 -0.32 -14.09 -11.18
N GLY B 67 0.73 -14.89 -11.22
CA GLY B 67 2.02 -14.51 -11.78
C GLY B 67 2.34 -15.37 -12.99
N GLN B 68 3.20 -14.88 -13.90
CA GLN B 68 3.57 -15.55 -15.16
C GLN B 68 4.43 -16.79 -14.98
N GLY B 69 5.30 -16.75 -13.98
CA GLY B 69 6.19 -17.82 -13.61
C GLY B 69 6.94 -17.41 -12.37
N CYS B 70 8.02 -18.12 -12.04
CA CYS B 70 8.83 -17.78 -10.87
C CYS B 70 10.23 -17.29 -11.28
N PRO B 71 10.41 -16.02 -11.68
CA PRO B 71 11.76 -15.56 -12.07
C PRO B 71 12.66 -15.33 -10.87
N SER B 72 12.05 -15.13 -9.69
CA SER B 72 12.72 -14.91 -8.40
C SER B 72 11.82 -15.40 -7.27
N THR B 73 12.41 -15.70 -6.10
CA THR B 73 11.69 -16.19 -4.93
C THR B 73 11.39 -15.06 -3.94
N HIS B 74 11.83 -13.84 -4.29
CA HIS B 74 11.69 -12.60 -3.52
C HIS B 74 10.32 -11.90 -3.68
N VAL B 75 9.43 -12.45 -4.53
CA VAL B 75 8.08 -11.94 -4.72
C VAL B 75 7.31 -12.17 -3.42
N LEU B 76 6.62 -11.11 -2.94
CA LEU B 76 5.79 -11.11 -1.73
C LEU B 76 4.46 -10.52 -2.08
N LEU B 77 3.42 -11.24 -1.70
CA LEU B 77 2.05 -10.82 -1.86
C LEU B 77 1.52 -10.48 -0.47
N THR B 78 0.78 -9.39 -0.33
CA THR B 78 0.14 -9.03 0.94
C THR B 78 -1.29 -8.60 0.65
N HIS B 79 -2.16 -8.82 1.61
CA HIS B 79 -3.55 -8.43 1.58
C HIS B 79 -3.89 -7.99 3.00
N THR B 80 -4.48 -6.82 3.13
CA THR B 80 -4.77 -6.23 4.42
C THR B 80 -6.10 -5.49 4.44
N ILE B 81 -6.89 -5.74 5.50
CA ILE B 81 -8.11 -5.02 5.83
C ILE B 81 -7.76 -4.05 6.98
N SER B 82 -8.01 -2.75 6.77
CA SER B 82 -7.71 -1.70 7.73
C SER B 82 -8.94 -0.94 8.13
N ARG B 83 -8.94 -0.40 9.35
CA ARG B 83 -10.02 0.44 9.86
C ARG B 83 -9.51 1.87 9.99
N ILE B 84 -10.28 2.82 9.48
CA ILE B 84 -10.06 4.26 9.62
C ILE B 84 -11.14 4.73 10.61
N ALA B 85 -10.73 4.99 11.86
CA ALA B 85 -11.59 5.45 12.94
C ALA B 85 -11.95 6.92 12.70
N VAL B 86 -13.22 7.28 12.90
CA VAL B 86 -13.74 8.64 12.66
C VAL B 86 -13.18 9.74 13.63
N SER B 87 -12.90 9.37 14.90
CA SER B 87 -12.40 10.28 15.94
C SER B 87 -10.88 10.26 16.10
N TYR B 88 -10.16 9.83 15.05
CA TYR B 88 -8.70 9.74 15.07
C TYR B 88 -8.14 9.92 13.64
N GLN B 89 -8.88 9.40 12.65
CA GLN B 89 -8.56 9.39 11.21
C GLN B 89 -7.21 8.72 10.93
N THR B 90 -6.92 7.62 11.64
CA THR B 90 -5.72 6.80 11.53
C THR B 90 -6.05 5.48 10.86
N LYS B 91 -5.05 4.83 10.22
CA LYS B 91 -5.26 3.56 9.53
C LYS B 91 -4.59 2.44 10.32
N VAL B 92 -5.43 1.64 10.98
CA VAL B 92 -5.02 0.51 11.83
C VAL B 92 -5.34 -0.81 11.14
N ASN B 93 -4.40 -1.75 11.18
CA ASN B 93 -4.61 -3.07 10.58
C ASN B 93 -5.52 -3.96 11.41
N LEU B 94 -6.62 -4.43 10.80
CA LEU B 94 -7.54 -5.34 11.48
C LEU B 94 -7.11 -6.78 11.18
N LEU B 95 -6.97 -7.12 9.88
CA LEU B 95 -6.59 -8.43 9.35
C LEU B 95 -5.56 -8.26 8.27
N SER B 96 -4.52 -9.12 8.26
CA SER B 96 -3.44 -9.07 7.30
C SER B 96 -2.79 -10.45 7.06
N ALA B 97 -2.37 -10.70 5.82
CA ALA B 97 -1.69 -11.94 5.40
C ALA B 97 -0.59 -11.59 4.42
N ILE B 98 0.54 -12.33 4.49
CA ILE B 98 1.71 -12.21 3.61
C ILE B 98 1.93 -13.61 3.03
N LYS B 99 2.26 -13.69 1.73
CA LYS B 99 2.50 -14.95 1.05
C LYS B 99 3.70 -14.85 0.08
N SER B 100 4.54 -15.89 0.03
CA SER B 100 5.66 -16.02 -0.88
C SER B 100 5.20 -17.03 -1.93
N PRO B 101 4.71 -16.57 -3.09
CA PRO B 101 4.18 -17.51 -4.09
C PRO B 101 5.22 -18.41 -4.75
N CYS B 102 6.50 -18.02 -4.69
CA CYS B 102 7.59 -18.71 -5.39
C CYS B 102 8.65 -19.32 -4.50
N GLN B 103 8.91 -20.60 -4.76
CA GLN B 103 9.98 -21.43 -4.18
C GLN B 103 10.58 -22.18 -5.37
N ARG B 104 11.82 -21.82 -5.76
CA ARG B 104 12.58 -22.31 -6.93
C ARG B 104 12.08 -21.66 -8.24
N GLU B 105 13.01 -21.43 -9.18
CA GLU B 105 12.78 -20.77 -10.47
C GLU B 105 12.34 -21.69 -11.61
N ALA B 110 13.90 -23.68 -19.18
CA ALA B 110 12.56 -24.11 -18.78
C ALA B 110 11.46 -23.10 -19.16
N GLU B 111 10.27 -23.59 -19.56
CA GLU B 111 9.12 -22.76 -19.91
C GLU B 111 8.39 -22.41 -18.60
N ALA B 112 8.44 -21.11 -18.21
CA ALA B 112 7.83 -20.59 -16.97
C ALA B 112 6.32 -20.79 -16.98
N LYS B 113 5.79 -21.44 -15.93
CA LYS B 113 4.36 -21.73 -15.81
C LYS B 113 3.61 -20.85 -14.78
N PRO B 114 2.46 -20.24 -15.19
CA PRO B 114 1.70 -19.40 -14.25
C PRO B 114 1.25 -20.09 -12.95
N TRP B 115 1.28 -19.32 -11.87
CA TRP B 115 0.83 -19.72 -10.55
C TRP B 115 -0.41 -18.90 -10.17
N TYR B 116 -1.26 -19.45 -9.30
CA TYR B 116 -2.46 -18.76 -8.79
C TYR B 116 -2.46 -18.87 -7.29
N GLU B 117 -2.65 -17.76 -6.59
CA GLU B 117 -2.67 -17.77 -5.15
C GLU B 117 -3.78 -16.92 -4.55
N PRO B 118 -4.83 -17.59 -3.98
CA PRO B 118 -5.87 -16.84 -3.26
C PRO B 118 -5.45 -16.53 -1.82
N ILE B 119 -5.89 -15.36 -1.30
CA ILE B 119 -5.66 -14.94 0.10
C ILE B 119 -6.99 -14.60 0.73
N TYR B 120 -7.28 -15.21 1.88
CA TYR B 120 -8.53 -15.00 2.61
C TYR B 120 -8.31 -14.26 3.92
N LEU B 121 -9.26 -13.40 4.30
CA LEU B 121 -9.22 -12.71 5.59
C LEU B 121 -10.61 -12.65 6.14
N GLY B 122 -10.75 -12.68 7.44
CA GLY B 122 -12.06 -12.59 8.05
C GLY B 122 -12.00 -12.62 9.55
N GLY B 123 -12.78 -11.78 10.20
CA GLY B 123 -12.83 -11.69 11.66
C GLY B 123 -14.01 -10.90 12.18
N VAL B 124 -14.25 -10.96 13.50
CA VAL B 124 -15.33 -10.23 14.18
C VAL B 124 -14.74 -9.02 14.89
N PHE B 125 -15.33 -7.85 14.64
CA PHE B 125 -14.84 -6.60 15.19
C PHE B 125 -15.96 -5.73 15.70
N GLN B 126 -15.67 -4.97 16.78
CA GLN B 126 -16.59 -3.97 17.34
C GLN B 126 -16.27 -2.69 16.56
N LEU B 127 -17.26 -2.19 15.83
CA LEU B 127 -17.05 -1.00 15.01
C LEU B 127 -17.97 0.11 15.43
N GLU B 128 -17.61 1.37 15.13
CA GLU B 128 -18.36 2.56 15.51
C GLU B 128 -19.01 3.19 14.30
N LYS B 129 -20.10 3.96 14.50
CA LYS B 129 -20.76 4.67 13.41
C LYS B 129 -19.73 5.57 12.68
N GLY B 130 -19.70 5.47 11.35
CA GLY B 130 -18.80 6.26 10.52
C GLY B 130 -17.40 5.73 10.29
N ASP B 131 -17.09 4.53 10.85
CA ASP B 131 -15.79 3.87 10.64
C ASP B 131 -15.69 3.49 9.18
N ARG B 132 -14.49 3.64 8.62
CA ARG B 132 -14.24 3.30 7.23
C ARG B 132 -13.37 2.07 7.17
N LEU B 133 -13.69 1.16 6.27
CA LEU B 133 -12.88 -0.05 6.12
C LEU B 133 -12.40 -0.16 4.72
N SER B 134 -11.09 -0.37 4.57
CA SER B 134 -10.49 -0.56 3.26
C SER B 134 -9.86 -1.94 3.19
N ALA B 135 -9.83 -2.53 1.97
CA ALA B 135 -9.23 -3.84 1.73
C ALA B 135 -8.28 -3.60 0.61
N GLU B 136 -6.95 -3.70 0.91
CA GLU B 136 -5.90 -3.40 -0.07
C GLU B 136 -4.91 -4.56 -0.28
N ILE B 137 -4.18 -4.50 -1.40
CA ILE B 137 -3.15 -5.47 -1.82
C ILE B 137 -1.90 -4.71 -2.22
N ASN B 138 -0.71 -5.29 -2.03
CA ASN B 138 0.54 -4.61 -2.40
C ASN B 138 0.84 -4.74 -3.90
N ARG B 139 0.33 -5.83 -4.54
CA ARG B 139 0.59 -6.15 -5.95
C ARG B 139 -0.67 -6.18 -6.80
N PRO B 140 -1.31 -5.02 -7.10
CA PRO B 140 -2.54 -5.05 -7.92
C PRO B 140 -2.30 -5.49 -9.36
N ASP B 141 -1.03 -5.42 -9.80
CA ASP B 141 -0.59 -5.83 -11.14
C ASP B 141 -0.78 -7.36 -11.29
N TYR B 142 -0.83 -8.09 -10.15
CA TYR B 142 -1.01 -9.55 -10.09
C TYR B 142 -2.46 -9.98 -9.87
N LEU B 143 -3.38 -9.05 -9.51
CA LEU B 143 -4.79 -9.34 -9.27
C LEU B 143 -5.42 -10.06 -10.47
N ASP B 144 -6.13 -11.18 -10.21
CA ASP B 144 -6.73 -12.00 -11.26
C ASP B 144 -8.15 -12.38 -10.96
N PHE B 145 -8.93 -12.63 -12.04
CA PHE B 145 -10.36 -12.96 -11.97
C PHE B 145 -10.71 -14.41 -12.46
N ALA B 146 -9.77 -15.38 -12.32
CA ALA B 146 -9.99 -16.79 -12.70
C ALA B 146 -10.83 -17.56 -11.64
N GLU B 147 -11.18 -18.83 -11.93
CA GLU B 147 -11.99 -19.70 -11.06
C GLU B 147 -11.25 -20.33 -9.88
N SER B 148 -9.96 -20.00 -9.68
CA SER B 148 -9.22 -20.51 -8.54
C SER B 148 -9.48 -19.69 -7.28
N GLY B 149 -10.36 -18.71 -7.42
CA GLY B 149 -10.79 -17.81 -6.37
C GLY B 149 -11.86 -16.85 -6.85
N GLN B 150 -12.04 -15.74 -6.10
CA GLN B 150 -13.00 -14.66 -6.35
C GLN B 150 -12.44 -13.40 -5.72
N VAL B 151 -12.87 -12.22 -6.18
CA VAL B 151 -12.36 -10.99 -5.59
C VAL B 151 -13.50 -10.21 -4.95
N TYR B 152 -13.60 -10.31 -3.62
CA TYR B 152 -14.67 -9.65 -2.88
C TYR B 152 -14.21 -9.11 -1.53
N PHE B 153 -15.06 -8.29 -0.93
CA PHE B 153 -14.89 -7.65 0.38
C PHE B 153 -16.30 -7.44 0.92
N GLY B 154 -16.51 -7.75 2.20
CA GLY B 154 -17.84 -7.57 2.79
C GLY B 154 -17.88 -7.40 4.28
N ILE B 155 -19.00 -6.90 4.77
CA ILE B 155 -19.29 -6.75 6.21
C ILE B 155 -20.70 -7.21 6.50
N ILE B 156 -20.86 -7.95 7.59
CA ILE B 156 -22.15 -8.45 8.03
C ILE B 156 -22.34 -8.07 9.51
N ALA B 157 -23.46 -7.38 9.83
CA ALA B 157 -23.73 -7.07 11.24
C ALA B 157 -24.27 -8.33 11.96
N LEU B 158 -23.68 -8.66 13.12
CA LEU B 158 -24.04 -9.83 13.93
C LEU B 158 -25.24 -9.56 14.87
N PRO C 9 -28.71 -4.65 19.41
CA PRO C 9 -27.56 -5.11 20.22
C PRO C 9 -27.48 -6.64 20.30
N SER C 10 -26.56 -7.21 19.48
CA SER C 10 -26.27 -8.64 19.31
C SER C 10 -26.16 -9.45 20.61
N ASP C 11 -26.99 -10.50 20.72
CA ASP C 11 -27.09 -11.43 21.85
C ASP C 11 -26.37 -12.79 21.59
N LYS C 12 -25.84 -12.99 20.38
CA LYS C 12 -25.17 -14.24 20.01
C LYS C 12 -23.72 -14.32 20.54
N PRO C 13 -23.30 -15.46 21.16
CA PRO C 13 -21.89 -15.60 21.59
C PRO C 13 -20.92 -15.46 20.41
N VAL C 14 -19.91 -14.59 20.55
CA VAL C 14 -18.85 -14.30 19.58
C VAL C 14 -17.52 -14.10 20.29
N ALA C 15 -16.43 -14.24 19.55
CA ALA C 15 -15.07 -14.04 20.07
C ALA C 15 -14.09 -13.87 18.93
N HIS C 16 -13.13 -12.98 19.12
CA HIS C 16 -12.02 -12.73 18.21
C HIS C 16 -10.81 -12.50 19.09
N VAL C 17 -9.95 -13.49 19.17
CA VAL C 17 -8.72 -13.43 19.97
C VAL C 17 -7.48 -13.29 19.05
N VAL C 18 -6.44 -12.60 19.54
CA VAL C 18 -5.21 -12.37 18.76
C VAL C 18 -4.01 -12.97 19.49
N ALA C 19 -2.91 -13.26 18.79
CA ALA C 19 -1.72 -13.81 19.42
C ALA C 19 -1.00 -12.72 20.20
N ASN C 20 -0.31 -13.12 21.28
CA ASN C 20 0.51 -12.22 22.09
C ASN C 20 1.85 -11.96 21.38
N PRO C 21 2.12 -10.71 20.94
CA PRO C 21 3.42 -10.43 20.29
C PRO C 21 4.64 -10.43 21.24
N GLN C 22 4.41 -10.65 22.56
CA GLN C 22 5.44 -10.66 23.60
C GLN C 22 5.71 -12.05 24.14
N ALA C 23 4.94 -13.07 23.69
CA ALA C 23 5.09 -14.46 24.11
C ALA C 23 5.97 -15.20 23.13
N GLU C 24 7.29 -14.94 23.24
CA GLU C 24 8.37 -15.51 22.42
C GLU C 24 8.28 -17.04 22.24
N GLY C 25 8.21 -17.47 20.97
CA GLY C 25 8.16 -18.88 20.54
C GLY C 25 6.95 -19.65 21.01
N GLN C 26 5.83 -18.93 21.20
CA GLN C 26 4.58 -19.50 21.67
C GLN C 26 3.41 -18.86 20.95
N LEU C 27 2.28 -19.59 20.90
CA LEU C 27 1.02 -19.10 20.37
C LEU C 27 0.06 -18.89 21.56
N GLN C 28 0.11 -17.71 22.18
CA GLN C 28 -0.75 -17.41 23.32
C GLN C 28 -1.79 -16.42 22.89
N TRP C 29 -3.07 -16.81 22.96
CA TRP C 29 -4.23 -15.98 22.60
C TRP C 29 -4.61 -14.93 23.66
N LEU C 30 -4.99 -13.72 23.22
CA LEU C 30 -5.41 -12.60 24.06
C LEU C 30 -6.72 -11.96 23.58
N ASN C 31 -7.48 -11.39 24.52
CA ASN C 31 -8.69 -10.59 24.30
C ASN C 31 -8.47 -9.26 25.05
N ARG C 32 -9.44 -8.32 25.04
CA ARG C 32 -9.36 -7.00 25.73
C ARG C 32 -8.24 -6.08 25.14
N ARG C 33 -7.33 -6.65 24.33
CA ARG C 33 -6.29 -5.94 23.57
C ARG C 33 -7.03 -5.11 22.49
N ALA C 34 -6.35 -4.14 21.86
CA ALA C 34 -6.88 -3.18 20.86
C ALA C 34 -8.11 -3.62 20.05
N ASN C 35 -7.97 -4.63 19.17
CA ASN C 35 -9.09 -5.08 18.34
C ASN C 35 -9.36 -6.60 18.49
N ALA C 36 -9.51 -7.05 19.74
CA ALA C 36 -9.84 -8.41 20.13
C ALA C 36 -11.00 -8.29 21.15
N LEU C 37 -11.82 -9.36 21.29
CA LEU C 37 -13.00 -9.37 22.18
C LEU C 37 -13.51 -10.78 22.51
N LEU C 38 -14.29 -10.84 23.57
CA LEU C 38 -15.05 -11.99 24.02
C LEU C 38 -16.38 -11.36 24.35
N ALA C 39 -17.47 -11.93 23.85
CA ALA C 39 -18.79 -11.35 24.08
C ALA C 39 -19.83 -12.43 24.24
N ASN C 40 -20.88 -12.11 25.00
CA ASN C 40 -22.05 -12.93 25.26
C ASN C 40 -21.73 -14.34 25.78
N GLY C 41 -20.83 -14.40 26.75
CA GLY C 41 -20.52 -15.65 27.45
C GLY C 41 -19.30 -16.42 27.06
N VAL C 42 -18.64 -16.04 25.94
CA VAL C 42 -17.44 -16.74 25.50
C VAL C 42 -16.29 -16.34 26.43
N GLU C 43 -15.61 -17.32 27.01
CA GLU C 43 -14.49 -17.08 27.91
C GLU C 43 -13.20 -17.66 27.37
N LEU C 44 -12.09 -17.08 27.80
CA LEU C 44 -10.76 -17.52 27.41
C LEU C 44 -10.12 -18.05 28.70
N ARG C 45 -9.89 -19.35 28.73
CA ARG C 45 -9.31 -20.07 29.84
C ARG C 45 -8.30 -21.07 29.30
N ASP C 46 -7.07 -21.07 29.85
CA ASP C 46 -6.00 -22.01 29.49
C ASP C 46 -5.72 -22.06 27.98
N ASN C 47 -5.68 -20.88 27.33
CA ASN C 47 -5.42 -20.72 25.88
C ASN C 47 -6.49 -21.32 24.95
N GLN C 48 -7.69 -21.53 25.50
CA GLN C 48 -8.80 -22.11 24.79
C GLN C 48 -10.03 -21.26 24.89
N LEU C 49 -10.87 -21.26 23.84
CA LEU C 49 -12.15 -20.54 23.86
C LEU C 49 -13.15 -21.47 24.51
N VAL C 50 -14.02 -20.94 25.39
CA VAL C 50 -15.00 -21.73 26.12
C VAL C 50 -16.40 -21.40 25.59
N VAL C 51 -17.13 -22.44 25.15
CA VAL C 51 -18.48 -22.32 24.59
C VAL C 51 -19.55 -22.14 25.70
N PRO C 52 -20.37 -21.04 25.66
CA PRO C 52 -21.39 -20.84 26.71
C PRO C 52 -22.72 -21.59 26.52
N SER C 53 -23.02 -22.09 25.29
CA SER C 53 -24.26 -22.78 24.97
C SER C 53 -24.17 -23.72 23.76
N GLU C 54 -25.03 -24.76 23.72
CA GLU C 54 -25.15 -25.74 22.62
C GLU C 54 -25.59 -24.99 21.38
N GLY C 55 -25.08 -25.43 20.22
CA GLY C 55 -25.49 -24.88 18.95
C GLY C 55 -24.44 -24.94 17.88
N LEU C 56 -24.79 -24.40 16.72
CA LEU C 56 -23.90 -24.34 15.57
C LEU C 56 -23.03 -23.09 15.67
N TYR C 57 -21.74 -23.27 15.43
CA TYR C 57 -20.78 -22.19 15.49
C TYR C 57 -19.92 -22.11 14.24
N LEU C 58 -19.72 -20.85 13.75
CA LEU C 58 -18.82 -20.50 12.67
C LEU C 58 -17.49 -20.41 13.37
N ILE C 59 -16.49 -21.17 12.92
CA ILE C 59 -15.16 -21.18 13.54
C ILE C 59 -14.16 -20.79 12.47
N TYR C 60 -13.26 -19.87 12.79
CA TYR C 60 -12.25 -19.41 11.86
C TYR C 60 -10.94 -19.10 12.60
N SER C 61 -9.83 -19.09 11.85
CA SER C 61 -8.52 -18.78 12.38
C SER C 61 -7.52 -18.52 11.27
N GLN C 62 -6.50 -17.75 11.59
CA GLN C 62 -5.35 -17.52 10.74
C GLN C 62 -4.08 -17.47 11.59
N VAL C 63 -3.03 -18.06 11.04
CA VAL C 63 -1.68 -18.05 11.53
C VAL C 63 -0.79 -17.70 10.32
N LEU C 64 0.30 -16.99 10.58
CA LEU C 64 1.28 -16.63 9.59
C LEU C 64 2.61 -17.21 10.04
N PHE C 65 3.31 -17.87 9.11
CA PHE C 65 4.61 -18.48 9.33
C PHE C 65 5.66 -17.74 8.53
N LYS C 66 6.82 -17.53 9.11
CA LYS C 66 7.95 -16.85 8.47
C LYS C 66 9.26 -17.56 8.85
N GLY C 67 10.08 -17.83 7.86
CA GLY C 67 11.40 -18.40 8.06
C GLY C 67 12.39 -17.65 7.20
N GLN C 68 13.68 -17.65 7.61
CA GLN C 68 14.76 -17.05 6.82
C GLN C 68 15.55 -18.21 6.25
N GLY C 69 15.45 -18.39 4.94
CA GLY C 69 16.08 -19.51 4.24
C GLY C 69 15.44 -20.86 4.53
N CYS C 70 15.89 -21.91 3.83
CA CYS C 70 15.34 -23.26 3.96
C CYS C 70 16.35 -24.31 4.53
N PRO C 71 16.33 -24.50 5.88
CA PRO C 71 17.27 -25.44 6.50
C PRO C 71 16.73 -26.88 6.62
N SER C 72 17.49 -27.76 7.34
CA SER C 72 17.25 -29.19 7.55
C SER C 72 17.22 -29.89 6.18
N THR C 73 16.00 -29.97 5.58
CA THR C 73 15.65 -30.52 4.27
C THR C 73 14.29 -29.91 3.90
N HIS C 74 13.18 -30.51 4.40
CA HIS C 74 11.80 -30.05 4.15
C HIS C 74 11.02 -29.98 5.47
N VAL C 75 10.58 -28.76 5.84
CA VAL C 75 9.83 -28.47 7.05
C VAL C 75 8.32 -28.47 6.76
N LEU C 76 7.55 -29.05 7.68
CA LEU C 76 6.11 -29.13 7.55
C LEU C 76 5.46 -28.23 8.57
N LEU C 77 4.64 -27.28 8.09
CA LEU C 77 3.93 -26.34 8.94
C LEU C 77 2.49 -26.78 9.02
N THR C 78 1.93 -26.85 10.23
CA THR C 78 0.54 -27.29 10.40
C THR C 78 -0.24 -26.38 11.30
N HIS C 79 -1.54 -26.27 11.05
CA HIS C 79 -2.42 -25.49 11.88
C HIS C 79 -3.70 -26.29 12.09
N THR C 80 -4.11 -26.45 13.36
CA THR C 80 -5.22 -27.29 13.71
C THR C 80 -6.15 -26.64 14.70
N ILE C 81 -7.46 -26.73 14.41
CA ILE C 81 -8.52 -26.31 15.33
C ILE C 81 -9.12 -27.62 15.88
N SER C 82 -9.12 -27.77 17.22
CA SER C 82 -9.62 -28.96 17.96
C SER C 82 -10.82 -28.63 18.84
N ARG C 83 -11.69 -29.62 19.05
CA ARG C 83 -12.83 -29.59 19.97
C ARG C 83 -12.42 -30.47 21.16
N ILE C 84 -12.44 -29.90 22.36
CA ILE C 84 -12.20 -30.66 23.59
C ILE C 84 -13.56 -30.85 24.23
N ALA C 85 -14.12 -32.08 24.11
CA ALA C 85 -15.41 -32.50 24.66
C ALA C 85 -15.50 -32.17 26.14
N VAL C 86 -16.61 -31.59 26.58
CA VAL C 86 -16.77 -31.15 27.97
C VAL C 86 -16.92 -32.34 28.95
N SER C 87 -17.55 -33.43 28.46
CA SER C 87 -17.83 -34.67 29.18
C SER C 87 -16.56 -35.50 29.41
N TYR C 88 -15.99 -36.10 28.35
CA TYR C 88 -14.83 -36.99 28.46
C TYR C 88 -13.46 -36.34 28.32
N GLN C 89 -13.40 -35.03 27.99
CA GLN C 89 -12.12 -34.31 27.83
C GLN C 89 -11.28 -34.93 26.69
N THR C 90 -11.98 -35.49 25.70
CA THR C 90 -11.41 -36.06 24.50
C THR C 90 -11.13 -34.93 23.54
N LYS C 91 -9.93 -34.92 22.94
CA LYS C 91 -9.52 -33.90 21.96
C LYS C 91 -9.75 -34.46 20.55
N VAL C 92 -10.57 -33.77 19.74
CA VAL C 92 -10.84 -34.17 18.34
C VAL C 92 -10.53 -33.03 17.39
N ASN C 93 -9.93 -33.35 16.24
CA ASN C 93 -9.62 -32.36 15.22
C ASN C 93 -10.87 -31.96 14.41
N LEU C 94 -11.12 -30.65 14.28
CA LEU C 94 -12.23 -30.10 13.52
C LEU C 94 -11.76 -29.66 12.11
N LEU C 95 -10.70 -28.84 12.06
CA LEU C 95 -10.08 -28.28 10.86
C LEU C 95 -8.62 -28.41 11.04
N SER C 96 -7.93 -28.66 9.94
CA SER C 96 -6.49 -28.82 9.92
C SER C 96 -5.98 -28.56 8.51
N ALA C 97 -4.77 -27.99 8.42
CA ALA C 97 -4.11 -27.70 7.17
C ALA C 97 -2.62 -27.84 7.33
N ILE C 98 -1.95 -28.28 6.28
CA ILE C 98 -0.51 -28.51 6.22
C ILE C 98 0.10 -27.65 5.07
N LYS C 99 1.35 -27.17 5.24
CA LYS C 99 2.08 -26.40 4.23
C LYS C 99 3.57 -26.74 4.21
N SER C 100 4.13 -26.89 2.99
CA SER C 100 5.57 -27.14 2.79
C SER C 100 6.18 -25.87 2.24
N PRO C 101 6.78 -25.00 3.09
CA PRO C 101 7.32 -23.74 2.57
C PRO C 101 8.60 -23.88 1.76
N CYS C 102 9.27 -25.04 1.85
CA CYS C 102 10.58 -25.26 1.25
C CYS C 102 10.57 -26.30 0.14
N GLN C 103 10.94 -25.88 -1.09
CA GLN C 103 11.00 -26.72 -2.29
C GLN C 103 12.48 -26.94 -2.71
N ARG C 104 13.27 -27.60 -1.81
CA ARG C 104 14.71 -27.90 -1.93
C ARG C 104 15.59 -26.63 -2.00
N ALA C 112 19.40 -17.87 3.56
CA ALA C 112 18.98 -16.90 4.56
C ALA C 112 17.96 -15.85 4.01
N LYS C 113 17.24 -16.22 2.92
CA LYS C 113 16.22 -15.37 2.29
C LYS C 113 14.80 -15.71 2.82
N PRO C 114 14.09 -14.68 3.35
CA PRO C 114 12.81 -14.96 4.03
C PRO C 114 11.61 -15.36 3.17
N TRP C 115 10.88 -16.35 3.70
CA TRP C 115 9.66 -16.88 3.12
C TRP C 115 8.49 -16.64 4.08
N TYR C 116 7.26 -16.52 3.54
CA TYR C 116 6.05 -16.27 4.32
C TYR C 116 4.94 -17.21 3.90
N GLU C 117 4.32 -17.86 4.88
CA GLU C 117 3.23 -18.78 4.61
C GLU C 117 2.02 -18.59 5.54
N PRO C 118 0.91 -18.02 5.02
CA PRO C 118 -0.32 -17.92 5.84
C PRO C 118 -1.18 -19.20 5.73
N ILE C 119 -1.88 -19.56 6.82
CA ILE C 119 -2.82 -20.68 6.87
C ILE C 119 -4.13 -20.13 7.43
N TYR C 120 -5.21 -20.18 6.63
CA TYR C 120 -6.55 -19.72 7.02
C TYR C 120 -7.48 -20.94 7.08
N LEU C 121 -8.11 -21.18 8.24
CA LEU C 121 -9.08 -22.26 8.44
C LEU C 121 -10.46 -21.64 8.73
N GLY C 122 -11.52 -22.35 8.32
CA GLY C 122 -12.92 -21.94 8.55
C GLY C 122 -13.93 -23.05 8.33
N GLY C 123 -15.04 -23.02 9.05
CA GLY C 123 -16.11 -24.01 8.94
C GLY C 123 -17.25 -23.82 9.93
N VAL C 124 -18.32 -24.66 9.83
CA VAL C 124 -19.51 -24.70 10.73
C VAL C 124 -19.35 -25.95 11.56
N PHE C 125 -19.58 -25.82 12.88
CA PHE C 125 -19.45 -26.95 13.79
C PHE C 125 -20.50 -26.96 14.86
N GLN C 126 -20.97 -28.15 15.24
CA GLN C 126 -21.96 -28.29 16.32
C GLN C 126 -21.13 -28.42 17.60
N LEU C 127 -21.35 -27.51 18.55
CA LEU C 127 -20.62 -27.53 19.82
C LEU C 127 -21.58 -27.64 21.01
N GLU C 128 -21.08 -28.12 22.14
CA GLU C 128 -21.86 -28.27 23.38
C GLU C 128 -21.45 -27.23 24.44
N LYS C 129 -22.34 -26.93 25.41
CA LYS C 129 -22.02 -26.00 26.50
C LYS C 129 -20.80 -26.54 27.27
N GLY C 130 -19.80 -25.69 27.48
CA GLY C 130 -18.58 -26.09 28.17
C GLY C 130 -17.47 -26.67 27.31
N ASP C 131 -17.70 -26.74 25.98
CA ASP C 131 -16.69 -27.21 25.03
C ASP C 131 -15.58 -26.18 25.00
N ARG C 132 -14.36 -26.68 24.85
CA ARG C 132 -13.16 -25.88 24.78
C ARG C 132 -12.63 -26.02 23.37
N LEU C 133 -12.27 -24.87 22.76
CA LEU C 133 -11.72 -24.88 21.40
C LEU C 133 -10.30 -24.39 21.44
N SER C 134 -9.42 -25.13 20.83
CA SER C 134 -8.03 -24.72 20.74
C SER C 134 -7.62 -24.55 19.27
N ALA C 135 -6.71 -23.61 19.03
CA ALA C 135 -6.16 -23.33 17.71
C ALA C 135 -4.66 -23.41 17.91
N GLU C 136 -4.06 -24.50 17.44
CA GLU C 136 -2.65 -24.83 17.64
C GLU C 136 -1.83 -24.93 16.36
N ILE C 137 -0.49 -24.82 16.48
CA ILE C 137 0.48 -24.92 15.37
C ILE C 137 1.63 -25.83 15.80
N ASN C 138 2.25 -26.54 14.86
CA ASN C 138 3.37 -27.42 15.21
C ASN C 138 4.75 -26.70 15.33
N ARG C 139 4.92 -25.53 14.69
CA ARG C 139 6.17 -24.78 14.70
C ARG C 139 5.99 -23.34 15.22
N PRO C 140 5.88 -23.13 16.57
CA PRO C 140 5.72 -21.75 17.09
C PRO C 140 6.94 -20.86 16.91
N ASP C 141 8.10 -21.49 16.55
CA ASP C 141 9.37 -20.83 16.31
C ASP C 141 9.38 -20.13 14.95
N TYR C 142 8.43 -20.48 14.08
CA TYR C 142 8.21 -19.87 12.76
C TYR C 142 7.05 -18.87 12.76
N LEU C 143 6.31 -18.72 13.87
CA LEU C 143 5.17 -17.81 13.98
C LEU C 143 5.60 -16.36 13.79
N ASP C 144 4.82 -15.59 13.00
CA ASP C 144 5.06 -14.17 12.70
C ASP C 144 3.94 -13.31 13.25
N PHE C 145 4.18 -12.65 14.37
CA PHE C 145 3.20 -11.74 14.97
C PHE C 145 3.75 -10.34 15.08
N ALA C 146 4.83 -10.04 14.30
CA ALA C 146 5.54 -8.76 14.20
C ALA C 146 4.62 -7.54 14.01
N GLU C 147 3.49 -7.72 13.31
CA GLU C 147 2.50 -6.68 13.04
C GLU C 147 1.14 -7.20 13.46
N SER C 148 0.19 -6.30 13.65
CA SER C 148 -1.16 -6.67 14.04
C SER C 148 -1.95 -7.34 12.87
N GLY C 149 -3.02 -8.07 13.24
CA GLY C 149 -3.93 -8.76 12.33
C GLY C 149 -3.36 -9.96 11.59
N GLN C 150 -2.15 -10.43 11.99
CA GLN C 150 -1.48 -11.56 11.33
C GLN C 150 -1.89 -12.92 11.84
N VAL C 151 -2.18 -13.02 13.16
CA VAL C 151 -2.56 -14.31 13.77
C VAL C 151 -3.72 -14.04 14.70
N TYR C 152 -4.89 -14.65 14.39
CA TYR C 152 -6.16 -14.54 15.11
C TYR C 152 -6.98 -15.85 15.11
N PHE C 153 -7.96 -15.95 16.00
CA PHE C 153 -8.84 -17.10 16.21
C PHE C 153 -10.22 -16.56 16.67
N GLY C 154 -11.29 -17.11 16.15
CA GLY C 154 -12.60 -16.63 16.54
C GLY C 154 -13.77 -17.56 16.28
N ILE C 155 -14.92 -17.24 16.91
CA ILE C 155 -16.17 -18.02 16.78
C ILE C 155 -17.36 -17.10 16.73
N ILE C 156 -18.42 -17.53 16.05
CA ILE C 156 -19.69 -16.82 15.92
C ILE C 156 -20.79 -17.87 16.05
N ALA C 157 -21.68 -17.73 17.02
CA ALA C 157 -22.84 -18.62 17.15
C ALA C 157 -23.80 -18.28 16.06
N LEU C 158 -24.34 -19.31 15.41
CA LEU C 158 -25.33 -19.12 14.35
C LEU C 158 -26.72 -18.78 14.90
N SER D 10 14.75 22.41 -28.75
CA SER D 10 16.11 22.77 -28.35
C SER D 10 16.45 24.26 -28.69
N ASP D 11 16.88 25.07 -27.69
CA ASP D 11 16.93 24.60 -26.30
C ASP D 11 15.73 25.15 -25.55
N LYS D 12 15.38 24.47 -24.47
CA LYS D 12 14.19 24.64 -23.68
C LYS D 12 14.17 25.88 -22.78
N PRO D 13 13.07 26.69 -22.89
CA PRO D 13 12.90 27.87 -22.02
C PRO D 13 12.93 27.57 -20.52
N VAL D 14 13.79 28.25 -19.77
CA VAL D 14 13.94 28.09 -18.32
C VAL D 14 14.12 29.43 -17.63
N ALA D 15 13.84 29.48 -16.31
CA ALA D 15 13.98 30.66 -15.46
C ALA D 15 13.92 30.25 -14.01
N HIS D 16 14.69 30.91 -13.17
CA HIS D 16 14.73 30.76 -11.72
C HIS D 16 14.97 32.16 -11.24
N VAL D 17 13.97 32.78 -10.64
CA VAL D 17 14.04 34.16 -10.17
C VAL D 17 13.83 34.22 -8.65
N VAL D 18 14.46 35.20 -8.01
CA VAL D 18 14.43 35.34 -6.56
C VAL D 18 13.90 36.72 -6.17
N ALA D 19 13.59 36.97 -4.88
CA ALA D 19 13.08 38.30 -4.49
C ALA D 19 14.16 39.38 -4.62
N ASN D 20 13.75 40.62 -4.94
CA ASN D 20 14.65 41.75 -5.03
C ASN D 20 14.77 42.36 -3.63
N PRO D 21 16.01 42.34 -3.06
CA PRO D 21 16.21 42.91 -1.70
C PRO D 21 15.98 44.41 -1.64
N GLN D 22 16.12 45.11 -2.80
CA GLN D 22 15.95 46.55 -2.92
C GLN D 22 14.48 46.94 -2.94
N ALA D 23 13.58 45.97 -3.07
CA ALA D 23 12.16 46.27 -3.07
C ALA D 23 11.52 45.67 -1.81
N GLU D 24 12.23 45.71 -0.65
CA GLU D 24 11.75 45.21 0.65
C GLU D 24 10.38 45.80 0.99
N GLY D 25 9.47 44.93 1.48
CA GLY D 25 8.09 45.29 1.80
C GLY D 25 7.16 44.93 0.65
N GLN D 26 7.75 44.36 -0.40
CA GLN D 26 7.09 43.87 -1.60
C GLN D 26 7.81 42.60 -2.03
N LEU D 27 7.16 41.81 -2.89
CA LEU D 27 7.75 40.63 -3.49
C LEU D 27 7.90 40.93 -4.98
N GLN D 28 9.02 41.57 -5.32
CA GLN D 28 9.37 41.91 -6.68
C GLN D 28 10.46 40.95 -7.09
N TRP D 29 10.22 40.19 -8.17
CA TRP D 29 11.14 39.19 -8.68
C TRP D 29 12.28 39.77 -9.51
N LEU D 30 13.47 39.19 -9.33
CA LEU D 30 14.64 39.60 -10.06
C LEU D 30 15.50 38.40 -10.43
N ASN D 31 16.12 38.47 -11.62
CA ASN D 31 17.06 37.49 -12.11
C ASN D 31 18.44 37.93 -11.63
N ARG D 32 18.58 38.00 -10.29
CA ARG D 32 19.78 38.36 -9.52
C ARG D 32 21.01 37.66 -10.05
N ARG D 33 22.16 38.37 -10.03
CA ARG D 33 23.46 37.89 -10.57
C ARG D 33 23.90 36.50 -10.08
N ALA D 34 23.86 36.33 -8.74
CA ALA D 34 24.29 35.21 -7.91
C ALA D 34 23.66 33.80 -8.13
N ASN D 35 22.32 33.68 -8.13
CA ASN D 35 21.67 32.36 -8.18
C ASN D 35 20.40 32.32 -9.00
N ALA D 36 20.09 33.43 -9.70
CA ALA D 36 18.89 33.58 -10.52
C ALA D 36 19.27 33.77 -11.99
N LEU D 37 18.33 33.51 -12.91
CA LEU D 37 18.58 33.60 -14.35
C LEU D 37 17.31 33.55 -15.18
N LEU D 38 17.40 34.00 -16.41
CA LEU D 38 16.36 33.84 -17.43
C LEU D 38 17.10 33.18 -18.59
N ALA D 39 16.54 32.16 -19.23
CA ALA D 39 17.21 31.53 -20.37
C ALA D 39 16.24 31.17 -21.48
N ASN D 40 16.73 31.12 -22.71
CA ASN D 40 16.01 30.68 -23.90
C ASN D 40 14.65 31.33 -24.15
N GLY D 41 14.60 32.65 -24.03
CA GLY D 41 13.41 33.42 -24.36
C GLY D 41 12.51 33.88 -23.24
N VAL D 42 12.74 33.37 -22.00
CA VAL D 42 11.91 33.77 -20.85
C VAL D 42 12.27 35.18 -20.48
N GLU D 43 11.22 36.02 -20.37
CA GLU D 43 11.31 37.45 -20.06
C GLU D 43 10.67 37.78 -18.73
N LEU D 44 11.19 38.82 -18.05
CA LEU D 44 10.64 39.34 -16.80
C LEU D 44 10.04 40.69 -17.15
N ARG D 45 8.72 40.75 -17.25
CA ARG D 45 8.02 41.99 -17.58
C ARG D 45 6.87 42.17 -16.60
N ASP D 46 6.89 43.31 -15.88
CA ASP D 46 5.88 43.78 -14.92
C ASP D 46 5.65 42.75 -13.83
N ASN D 47 6.77 42.28 -13.30
CA ASN D 47 6.89 41.32 -12.21
C ASN D 47 6.38 39.90 -12.60
N GLN D 48 6.32 39.63 -13.91
CA GLN D 48 5.82 38.36 -14.42
C GLN D 48 6.77 37.65 -15.36
N LEU D 49 6.81 36.28 -15.27
CA LEU D 49 7.61 35.47 -16.20
C LEU D 49 6.79 35.34 -17.50
N VAL D 50 7.38 35.68 -18.65
CA VAL D 50 6.72 35.66 -19.96
C VAL D 50 7.18 34.44 -20.76
N VAL D 51 6.25 33.58 -21.12
CA VAL D 51 6.48 32.31 -21.82
C VAL D 51 6.75 32.58 -23.31
N PRO D 52 7.91 32.12 -23.85
CA PRO D 52 8.22 32.38 -25.27
C PRO D 52 7.55 31.42 -26.26
N SER D 53 7.20 30.20 -25.83
CA SER D 53 6.63 29.20 -26.73
C SER D 53 5.65 28.25 -26.05
N GLU D 54 4.77 27.63 -26.85
CA GLU D 54 3.78 26.66 -26.39
C GLU D 54 4.42 25.38 -25.79
N GLY D 55 3.72 24.73 -24.87
CA GLY D 55 4.21 23.47 -24.32
C GLY D 55 3.98 23.27 -22.84
N LEU D 56 4.38 22.10 -22.33
CA LEU D 56 4.28 21.78 -20.92
C LEU D 56 5.43 22.40 -20.18
N TYR D 57 5.13 23.00 -19.04
CA TYR D 57 6.12 23.65 -18.20
C TYR D 57 5.92 23.24 -16.77
N LEU D 58 7.04 23.05 -16.04
CA LEU D 58 7.01 22.81 -14.62
C LEU D 58 7.12 24.23 -14.02
N ILE D 59 6.12 24.66 -13.27
CA ILE D 59 6.06 25.95 -12.61
C ILE D 59 6.25 25.63 -11.14
N TYR D 60 7.12 26.36 -10.44
CA TYR D 60 7.37 26.12 -9.02
C TYR D 60 7.74 27.41 -8.31
N SER D 61 7.55 27.45 -6.99
CA SER D 61 7.84 28.60 -6.16
C SER D 61 7.86 28.20 -4.70
N GLN D 62 8.64 28.93 -3.90
CA GLN D 62 8.69 28.82 -2.46
C GLN D 62 8.84 30.20 -1.89
N VAL D 63 8.06 30.50 -0.87
CA VAL D 63 8.09 31.75 -0.15
C VAL D 63 8.17 31.38 1.33
N LEU D 64 9.06 32.05 2.05
CA LEU D 64 9.16 31.78 3.46
C LEU D 64 8.70 33.00 4.25
N PHE D 65 7.76 32.77 5.16
CA PHE D 65 7.25 33.81 6.02
C PHE D 65 7.87 33.64 7.40
N LYS D 66 8.17 34.77 8.07
CA LYS D 66 8.77 34.81 9.40
C LYS D 66 8.20 35.97 10.19
N GLY D 67 7.83 35.66 11.41
CA GLY D 67 7.32 36.65 12.37
C GLY D 67 7.87 36.33 13.74
N GLN D 68 8.01 37.36 14.59
CA GLN D 68 8.45 37.17 15.97
C GLN D 68 7.20 37.31 16.84
N GLY D 69 6.73 36.18 17.38
CA GLY D 69 5.52 36.13 18.19
C GLY D 69 4.21 36.14 17.41
N CYS D 70 3.11 35.86 18.14
CA CYS D 70 1.75 35.78 17.61
C CYS D 70 0.83 36.90 18.14
N PRO D 71 0.63 37.97 17.32
CA PRO D 71 -0.17 39.13 17.78
C PRO D 71 -1.70 39.02 17.63
N SER D 72 -2.41 40.12 18.05
CA SER D 72 -3.88 40.31 17.99
C SER D 72 -4.42 40.11 16.55
N THR D 73 -5.64 39.49 16.42
CA THR D 73 -6.31 39.08 15.15
C THR D 73 -5.52 37.88 14.56
N HIS D 74 -6.23 36.90 13.95
CA HIS D 74 -5.48 35.75 13.47
C HIS D 74 -5.11 35.88 11.99
N VAL D 75 -3.78 35.86 11.82
CA VAL D 75 -2.93 35.99 10.65
C VAL D 75 -3.12 34.87 9.64
N LEU D 76 -3.33 35.26 8.37
CA LEU D 76 -3.48 34.38 7.23
C LEU D 76 -2.43 34.69 6.20
N LEU D 77 -1.67 33.69 5.82
CA LEU D 77 -0.63 33.86 4.82
C LEU D 77 -1.10 33.18 3.55
N THR D 78 -0.98 33.86 2.42
CA THR D 78 -1.40 33.26 1.14
C THR D 78 -0.34 33.47 0.12
N HIS D 79 -0.19 32.48 -0.76
CA HIS D 79 0.72 32.52 -1.89
C HIS D 79 -0.04 31.99 -3.07
N THR D 80 0.01 32.73 -4.19
CA THR D 80 -0.73 32.39 -5.40
C THR D 80 0.07 32.57 -6.68
N ILE D 81 0.06 31.54 -7.56
CA ILE D 81 0.64 31.53 -8.91
C ILE D 81 -0.55 31.59 -9.92
N SER D 82 -0.59 32.63 -10.75
CA SER D 82 -1.65 32.84 -11.75
C SER D 82 -1.09 32.98 -13.15
N ARG D 83 -1.93 32.75 -14.16
CA ARG D 83 -1.55 32.88 -15.57
C ARG D 83 -2.48 33.87 -16.26
N ILE D 84 -1.91 34.73 -17.12
CA ILE D 84 -2.64 35.65 -17.99
C ILE D 84 -2.28 35.26 -19.42
N ALA D 85 -3.26 34.70 -20.15
CA ALA D 85 -3.19 34.29 -21.55
C ALA D 85 -3.44 35.51 -22.43
N VAL D 86 -2.79 35.59 -23.59
CA VAL D 86 -2.91 36.74 -24.50
C VAL D 86 -4.39 36.85 -25.01
N SER D 87 -4.99 35.70 -25.33
CA SER D 87 -6.35 35.55 -25.82
C SER D 87 -7.37 35.89 -24.74
N TYR D 88 -8.14 36.98 -24.98
CA TYR D 88 -9.17 37.58 -24.11
C TYR D 88 -8.57 38.08 -22.78
N GLN D 89 -7.22 38.19 -22.70
CA GLN D 89 -6.51 38.55 -21.48
C GLN D 89 -7.02 37.67 -20.31
N THR D 90 -7.26 36.35 -20.58
CA THR D 90 -7.81 35.41 -19.61
C THR D 90 -6.85 35.10 -18.43
N LYS D 91 -7.23 35.56 -17.22
CA LYS D 91 -6.52 35.38 -15.95
C LYS D 91 -7.09 34.20 -15.15
N VAL D 92 -6.27 33.20 -14.89
CA VAL D 92 -6.69 31.99 -14.17
C VAL D 92 -5.69 31.68 -13.03
N ASN D 93 -6.18 31.12 -11.90
CA ASN D 93 -5.33 30.73 -10.76
C ASN D 93 -4.84 29.33 -11.03
N LEU D 94 -3.52 29.14 -11.14
CA LEU D 94 -2.93 27.83 -11.39
C LEU D 94 -2.67 27.10 -10.09
N LEU D 95 -2.05 27.79 -9.12
CA LEU D 95 -1.69 27.23 -7.82
C LEU D 95 -1.91 28.25 -6.74
N SER D 96 -2.40 27.82 -5.60
CA SER D 96 -2.63 28.69 -4.45
C SER D 96 -2.71 27.85 -3.18
N ALA D 97 -2.32 28.44 -2.05
CA ALA D 97 -2.35 27.83 -0.73
C ALA D 97 -2.50 28.92 0.35
N ILE D 98 -3.14 28.54 1.47
CA ILE D 98 -3.40 29.39 2.63
C ILE D 98 -2.76 28.75 3.87
N LYS D 99 -2.18 29.54 4.77
CA LYS D 99 -1.57 29.03 5.98
C LYS D 99 -1.82 29.96 7.15
N SER D 100 -2.03 29.39 8.34
CA SER D 100 -2.27 30.15 9.58
C SER D 100 -1.12 29.84 10.54
N PRO D 101 -0.11 30.73 10.61
CA PRO D 101 1.06 30.44 11.46
C PRO D 101 0.82 30.46 12.97
N CYS D 102 -0.26 31.10 13.41
CA CYS D 102 -0.56 31.28 14.81
C CYS D 102 -1.84 30.64 15.26
N GLN D 103 -1.76 29.91 16.37
CA GLN D 103 -2.91 29.24 16.98
C GLN D 103 -2.91 29.43 18.52
N ARG D 104 -1.77 29.95 19.06
CA ARG D 104 -1.50 30.23 20.48
C ARG D 104 -1.76 29.04 21.40
N ALA D 112 8.04 36.46 23.88
CA ALA D 112 7.70 36.29 22.45
C ALA D 112 8.58 35.21 21.78
N LYS D 113 8.04 34.49 20.76
CA LYS D 113 8.75 33.39 20.06
C LYS D 113 8.67 33.45 18.49
N PRO D 114 9.82 33.36 17.76
CA PRO D 114 9.74 33.44 16.29
C PRO D 114 9.18 32.19 15.60
N TRP D 115 8.38 32.43 14.56
CA TRP D 115 7.78 31.36 13.77
C TRP D 115 8.27 31.44 12.33
N TYR D 116 8.28 30.28 11.66
CA TYR D 116 8.73 30.07 10.29
C TYR D 116 7.63 29.34 9.56
N GLU D 117 7.09 29.94 8.46
CA GLU D 117 6.06 29.31 7.67
C GLU D 117 6.34 29.29 6.17
N PRO D 118 6.81 28.16 5.61
CA PRO D 118 7.00 28.11 4.16
C PRO D 118 5.70 27.77 3.43
N ILE D 119 5.57 28.27 2.19
CA ILE D 119 4.51 27.89 1.27
C ILE D 119 5.24 27.50 0.02
N TYR D 120 5.15 26.26 -0.35
CA TYR D 120 5.76 25.78 -1.60
C TYR D 120 4.60 25.42 -2.53
N LEU D 121 4.71 25.78 -3.79
CA LEU D 121 3.71 25.48 -4.80
C LEU D 121 4.43 24.95 -6.01
N GLY D 122 3.74 24.16 -6.83
CA GLY D 122 4.35 23.63 -8.03
C GLY D 122 3.48 22.63 -8.73
N GLY D 123 3.62 22.58 -10.05
CA GLY D 123 2.91 21.66 -10.92
C GLY D 123 3.36 21.73 -12.36
N VAL D 124 2.81 20.88 -13.21
CA VAL D 124 3.15 20.84 -14.64
C VAL D 124 1.90 21.39 -15.35
N PHE D 125 2.07 22.37 -16.26
CA PHE D 125 0.94 23.04 -16.90
C PHE D 125 1.17 23.27 -18.34
N GLN D 126 0.10 23.30 -19.13
CA GLN D 126 0.17 23.60 -20.55
C GLN D 126 0.08 25.11 -20.72
N LEU D 127 1.17 25.70 -21.26
CA LEU D 127 1.23 27.14 -21.49
C LEU D 127 1.31 27.46 -22.97
N GLU D 128 0.92 28.69 -23.33
CA GLU D 128 0.93 29.19 -24.71
C GLU D 128 1.91 30.32 -24.86
N LYS D 129 2.33 30.61 -26.10
CA LYS D 129 3.24 31.70 -26.37
C LYS D 129 2.59 33.01 -25.90
N GLY D 130 3.34 33.75 -25.08
CA GLY D 130 2.87 35.02 -24.55
C GLY D 130 2.21 34.98 -23.19
N ASP D 131 1.98 33.77 -22.61
CA ASP D 131 1.39 33.66 -21.27
C ASP D 131 2.28 34.38 -20.24
N ARG D 132 1.68 35.14 -19.32
CA ARG D 132 2.43 35.85 -18.30
C ARG D 132 2.08 35.24 -16.95
N LEU D 133 3.08 34.75 -16.20
CA LEU D 133 2.87 34.10 -14.90
C LEU D 133 3.30 34.96 -13.75
N SER D 134 2.42 35.14 -12.79
CA SER D 134 2.74 35.90 -11.59
C SER D 134 2.76 35.01 -10.37
N ALA D 135 3.64 35.30 -9.38
CA ALA D 135 3.67 34.58 -8.10
C ALA D 135 3.59 35.66 -7.04
N GLU D 136 2.39 35.79 -6.37
CA GLU D 136 2.08 36.85 -5.41
C GLU D 136 1.75 36.38 -3.98
N ILE D 137 2.01 37.25 -3.00
CA ILE D 137 1.76 36.97 -1.57
C ILE D 137 0.93 38.12 -0.99
N ASN D 138 0.14 37.84 0.06
CA ASN D 138 -0.70 38.83 0.72
C ASN D 138 0.06 39.59 1.83
N ARG D 139 1.08 38.97 2.43
CA ARG D 139 1.82 39.58 3.55
C ARG D 139 3.31 39.75 3.25
N PRO D 140 3.69 40.75 2.42
CA PRO D 140 5.11 40.97 2.11
C PRO D 140 5.95 41.47 3.28
N ASP D 141 5.28 41.98 4.32
CA ASP D 141 5.89 42.44 5.57
C ASP D 141 6.44 41.26 6.42
N TYR D 142 5.99 40.02 6.13
CA TYR D 142 6.43 38.79 6.80
C TYR D 142 7.49 38.03 6.00
N LEU D 143 7.75 38.46 4.77
CA LEU D 143 8.71 37.81 3.87
C LEU D 143 10.13 37.85 4.44
N ASP D 144 10.85 36.70 4.35
CA ASP D 144 12.22 36.60 4.86
C ASP D 144 13.27 36.93 3.81
N PHE D 145 14.08 37.99 4.08
CA PHE D 145 15.18 38.47 3.24
C PHE D 145 16.55 38.15 3.87
N ALA D 146 16.59 38.03 5.22
CA ALA D 146 17.79 37.76 6.05
C ALA D 146 18.65 36.59 5.58
N GLU D 147 18.01 35.58 4.96
CA GLU D 147 18.69 34.36 4.47
C GLU D 147 18.64 34.29 2.93
N SER D 148 19.27 33.26 2.34
CA SER D 148 19.38 33.09 0.88
C SER D 148 18.76 31.78 0.38
N GLY D 149 18.23 31.83 -0.84
CA GLY D 149 17.60 30.70 -1.53
C GLY D 149 16.32 30.20 -0.86
N GLN D 150 15.60 31.10 -0.19
CA GLN D 150 14.38 30.68 0.49
C GLN D 150 13.12 31.23 -0.17
N VAL D 151 13.27 32.20 -1.08
CA VAL D 151 12.19 32.86 -1.81
C VAL D 151 12.57 32.85 -3.28
N TYR D 152 11.88 32.02 -4.04
CA TYR D 152 12.14 31.84 -5.45
C TYR D 152 10.87 31.50 -6.23
N PHE D 153 10.93 31.59 -7.57
CA PHE D 153 9.86 31.33 -8.53
C PHE D 153 10.57 30.89 -9.82
N GLY D 154 10.08 29.84 -10.43
CA GLY D 154 10.74 29.34 -11.63
C GLY D 154 9.84 28.61 -12.59
N ILE D 155 10.29 28.50 -13.85
CA ILE D 155 9.63 27.76 -14.91
C ILE D 155 10.65 26.97 -15.70
N ILE D 156 10.35 25.69 -15.96
CA ILE D 156 11.20 24.79 -16.72
C ILE D 156 10.37 24.13 -17.79
N ALA D 157 10.67 24.40 -19.08
CA ALA D 157 9.95 23.76 -20.18
C ALA D 157 10.28 22.25 -20.22
N LEU D 158 9.26 21.41 -20.41
CA LEU D 158 9.47 19.95 -20.44
C LEU D 158 10.07 19.46 -21.78
N ASP E 11 12.84 10.44 -31.17
CA ASP E 11 13.59 11.29 -30.26
C ASP E 11 13.89 10.59 -28.90
N LYS E 12 13.32 11.13 -27.79
CA LYS E 12 13.48 10.58 -26.44
C LYS E 12 12.13 10.23 -25.80
N PRO E 13 11.95 8.95 -25.33
CA PRO E 13 10.68 8.54 -24.71
C PRO E 13 10.28 9.38 -23.51
N VAL E 14 9.03 9.88 -23.53
CA VAL E 14 8.42 10.65 -22.44
C VAL E 14 7.02 10.17 -22.12
N ALA E 15 6.51 10.57 -20.93
CA ALA E 15 5.16 10.28 -20.42
C ALA E 15 4.88 11.20 -19.26
N HIS E 16 3.70 11.81 -19.28
CA HIS E 16 3.19 12.63 -18.20
C HIS E 16 1.73 12.22 -18.02
N VAL E 17 1.47 11.50 -16.94
CA VAL E 17 0.15 10.96 -16.61
C VAL E 17 -0.42 11.70 -15.42
N VAL E 18 -1.73 11.96 -15.46
CA VAL E 18 -2.45 12.73 -14.43
C VAL E 18 -3.46 11.84 -13.71
N ALA E 19 -3.80 12.16 -12.48
CA ALA E 19 -4.78 11.33 -11.76
C ALA E 19 -6.20 11.62 -12.19
N ASN E 20 -7.06 10.59 -12.21
CA ASN E 20 -8.48 10.70 -12.52
C ASN E 20 -9.24 11.24 -11.29
N PRO E 21 -9.90 12.43 -11.36
CA PRO E 21 -10.65 12.91 -10.18
C PRO E 21 -11.93 12.11 -9.91
N GLN E 22 -12.45 11.44 -10.93
CA GLN E 22 -13.68 10.66 -10.85
C GLN E 22 -13.52 9.30 -10.17
N ALA E 23 -12.26 8.81 -10.00
CA ALA E 23 -11.93 7.54 -9.38
C ALA E 23 -11.86 7.77 -7.88
N GLU E 24 -13.02 7.73 -7.22
CA GLU E 24 -13.17 8.02 -5.80
C GLU E 24 -12.30 7.16 -4.91
N GLY E 25 -11.53 7.81 -4.04
CA GLY E 25 -10.63 7.21 -3.07
C GLY E 25 -9.55 6.32 -3.65
N GLN E 26 -9.09 6.64 -4.87
CA GLN E 26 -8.12 5.86 -5.61
C GLN E 26 -7.19 6.76 -6.39
N LEU E 27 -5.95 6.28 -6.65
CA LEU E 27 -4.98 6.98 -7.47
C LEU E 27 -4.81 6.21 -8.80
N GLN E 28 -5.70 6.53 -9.78
CA GLN E 28 -5.76 5.98 -11.12
C GLN E 28 -5.20 7.01 -12.12
N TRP E 29 -4.10 6.64 -12.78
CA TRP E 29 -3.36 7.40 -13.78
C TRP E 29 -4.02 7.38 -15.17
N LEU E 30 -4.12 8.56 -15.82
CA LEU E 30 -4.68 8.77 -17.17
C LEU E 30 -3.60 9.32 -18.13
N ASN E 31 -3.51 8.78 -19.35
CA ASN E 31 -2.56 9.24 -20.35
C ASN E 31 -3.25 9.98 -21.52
N ARG E 32 -2.43 10.55 -22.44
CA ARG E 32 -2.71 11.25 -23.70
C ARG E 32 -2.75 12.76 -23.54
N GLY E 41 6.99 8.52 -26.21
CA GLY E 41 6.09 7.42 -26.50
C GLY E 41 6.11 6.28 -25.49
N VAL E 42 6.15 6.62 -24.17
CA VAL E 42 6.13 5.65 -23.06
C VAL E 42 4.68 5.22 -22.74
N GLU E 43 4.47 3.90 -22.58
CA GLU E 43 3.18 3.23 -22.33
C GLU E 43 2.72 3.13 -20.85
N LEU E 44 1.43 3.38 -20.64
CA LEU E 44 0.75 3.25 -19.34
C LEU E 44 -0.05 1.97 -19.47
N ARG E 45 0.31 0.90 -18.71
CA ARG E 45 -0.35 -0.39 -18.92
C ARG E 45 -1.25 -0.90 -17.75
N ASP E 46 -0.70 -1.17 -16.57
CA ASP E 46 -1.57 -1.68 -15.50
C ASP E 46 -1.52 -0.73 -14.35
N ASN E 47 -1.83 0.55 -14.64
CA ASN E 47 -1.70 1.70 -13.74
C ASN E 47 -0.18 1.97 -13.44
N GLN E 48 0.69 1.52 -14.40
CA GLN E 48 2.13 1.62 -14.33
C GLN E 48 2.73 2.17 -15.59
N LEU E 49 3.90 2.80 -15.48
CA LEU E 49 4.62 3.30 -16.65
C LEU E 49 5.60 2.21 -17.08
N VAL E 50 5.55 1.82 -18.38
CA VAL E 50 6.41 0.75 -18.93
C VAL E 50 7.60 1.35 -19.63
N VAL E 51 8.83 1.00 -19.18
CA VAL E 51 10.12 1.48 -19.73
C VAL E 51 10.33 0.86 -21.14
N PRO E 52 10.32 1.64 -22.28
CA PRO E 52 10.42 0.99 -23.61
C PRO E 52 11.83 0.55 -24.03
N SER E 53 12.84 1.12 -23.38
CA SER E 53 14.24 0.86 -23.68
C SER E 53 15.12 1.16 -22.48
N GLU E 54 16.29 0.50 -22.44
CA GLU E 54 17.32 0.68 -21.43
C GLU E 54 17.85 2.12 -21.52
N GLY E 55 18.19 2.72 -20.39
CA GLY E 55 18.75 4.06 -20.37
C GLY E 55 18.52 4.83 -19.10
N LEU E 56 18.96 6.11 -19.10
CA LEU E 56 18.79 7.03 -17.98
C LEU E 56 17.45 7.78 -18.12
N TYR E 57 16.68 7.81 -17.04
CA TYR E 57 15.37 8.45 -17.01
C TYR E 57 15.22 9.34 -15.80
N LEU E 58 14.56 10.50 -15.98
CA LEU E 58 14.16 11.36 -14.89
C LEU E 58 12.75 10.89 -14.60
N ILE E 59 12.53 10.44 -13.36
CA ILE E 59 11.22 9.95 -12.92
C ILE E 59 10.77 10.99 -11.90
N TYR E 60 9.51 11.40 -11.99
CA TYR E 60 8.98 12.41 -11.08
C TYR E 60 7.52 12.16 -10.82
N SER E 61 7.02 12.68 -9.69
CA SER E 61 5.61 12.68 -9.30
C SER E 61 5.31 13.71 -8.21
N GLN E 62 4.02 14.02 -8.09
CA GLN E 62 3.45 14.86 -7.06
C GLN E 62 2.05 14.36 -6.83
N VAL E 63 1.66 14.35 -5.55
CA VAL E 63 0.34 14.03 -5.02
C VAL E 63 -0.04 15.17 -3.99
N LEU E 64 -1.33 15.40 -3.81
CA LEU E 64 -1.81 16.36 -2.83
C LEU E 64 -2.79 15.66 -1.88
N PHE E 65 -2.59 15.82 -0.55
CA PHE E 65 -3.47 15.29 0.50
C PHE E 65 -4.25 16.40 1.20
N LYS E 66 -5.49 16.09 1.57
CA LYS E 66 -6.38 16.99 2.29
C LYS E 66 -7.13 16.23 3.38
N GLY E 67 -7.08 16.76 4.59
CA GLY E 67 -7.79 16.23 5.75
C GLY E 67 -8.63 17.34 6.36
N GLN E 68 -9.82 16.99 6.86
CA GLN E 68 -10.80 17.90 7.43
C GLN E 68 -10.48 18.41 8.85
N GLY E 69 -9.44 17.90 9.48
CA GLY E 69 -9.03 18.33 10.80
C GLY E 69 -7.87 17.52 11.36
N CYS E 70 -7.57 17.73 12.64
CA CYS E 70 -6.52 16.98 13.32
C CYS E 70 -7.08 16.34 14.62
N PRO E 71 -7.92 15.26 14.51
CA PRO E 71 -8.45 14.62 15.73
C PRO E 71 -7.35 13.89 16.53
N SER E 72 -6.28 13.49 15.83
CA SER E 72 -5.09 12.80 16.32
C SER E 72 -3.85 13.32 15.58
N THR E 73 -2.70 13.24 16.24
CA THR E 73 -1.39 13.62 15.69
C THR E 73 -0.69 12.38 15.09
N HIS E 74 -1.40 11.21 15.05
CA HIS E 74 -0.93 9.91 14.58
C HIS E 74 -1.19 9.61 13.08
N VAL E 75 -1.75 10.57 12.33
CA VAL E 75 -1.98 10.44 10.90
C VAL E 75 -0.61 10.53 10.18
N LEU E 76 -0.33 9.57 9.27
CA LEU E 76 0.88 9.51 8.46
C LEU E 76 0.52 9.38 7.00
N LEU E 77 1.17 10.20 6.18
CA LEU E 77 0.97 10.23 4.74
C LEU E 77 2.25 9.77 4.14
N THR E 78 2.16 8.84 3.15
CA THR E 78 3.33 8.36 2.41
C THR E 78 3.07 8.42 0.92
N HIS E 79 4.13 8.68 0.15
CA HIS E 79 4.07 8.69 -1.30
C HIS E 79 5.32 7.98 -1.78
N THR E 80 5.16 6.97 -2.65
CA THR E 80 6.26 6.14 -3.12
C THR E 80 6.23 5.80 -4.60
N ILE E 81 7.39 5.97 -5.28
CA ILE E 81 7.60 5.48 -6.65
C ILE E 81 8.47 4.21 -6.49
N SER E 82 8.04 3.13 -7.15
CA SER E 82 8.71 1.85 -7.10
C SER E 82 9.03 1.35 -8.48
N ARG E 83 10.10 0.56 -8.58
CA ARG E 83 10.50 -0.13 -9.79
C ARG E 83 10.26 -1.63 -9.65
N ILE E 84 9.58 -2.23 -10.64
CA ILE E 84 9.37 -3.67 -10.70
C ILE E 84 10.24 -4.16 -11.83
N ALA E 85 11.34 -4.83 -11.45
CA ALA E 85 12.30 -5.38 -12.37
C ALA E 85 11.65 -6.42 -13.30
N VAL E 86 11.74 -6.19 -14.63
CA VAL E 86 11.24 -7.06 -15.71
C VAL E 86 11.65 -8.53 -15.49
N SER E 87 12.85 -8.74 -14.92
CA SER E 87 13.40 -10.04 -14.59
C SER E 87 12.82 -10.54 -13.27
N TYR E 88 13.47 -10.18 -12.15
CA TYR E 88 13.19 -10.58 -10.78
C TYR E 88 11.74 -10.30 -10.21
N GLN E 89 10.90 -9.46 -10.88
CA GLN E 89 9.52 -9.13 -10.50
C GLN E 89 9.35 -8.62 -9.04
N THR E 90 10.33 -7.88 -8.55
CA THR E 90 10.33 -7.34 -7.19
C THR E 90 9.93 -5.85 -7.18
N LYS E 91 9.21 -5.39 -6.14
CA LYS E 91 8.82 -3.99 -5.95
C LYS E 91 9.87 -3.32 -5.06
N VAL E 92 10.89 -2.73 -5.68
CA VAL E 92 11.97 -1.98 -5.01
C VAL E 92 11.57 -0.49 -4.99
N ASN E 93 11.77 0.19 -3.85
CA ASN E 93 11.45 1.62 -3.70
C ASN E 93 12.56 2.49 -4.29
N LEU E 94 12.22 3.30 -5.32
CA LEU E 94 13.17 4.23 -5.93
C LEU E 94 13.16 5.58 -5.17
N LEU E 95 11.95 6.15 -5.02
CA LEU E 95 11.70 7.42 -4.32
C LEU E 95 10.58 7.22 -3.34
N SER E 96 10.74 7.74 -2.13
CA SER E 96 9.74 7.61 -1.05
C SER E 96 9.84 8.77 -0.07
N ALA E 97 8.69 9.22 0.45
CA ALA E 97 8.58 10.31 1.43
C ALA E 97 7.43 10.04 2.39
N ILE E 98 7.64 10.36 3.68
CA ILE E 98 6.64 10.23 4.77
C ILE E 98 6.39 11.64 5.38
N LYS E 99 5.16 11.95 5.81
CA LYS E 99 4.80 13.25 6.39
C LYS E 99 3.72 13.09 7.47
N SER E 100 3.85 13.86 8.57
CA SER E 100 2.88 13.90 9.65
C SER E 100 2.15 15.26 9.54
N PRO E 101 0.92 15.30 8.99
CA PRO E 101 0.24 16.60 8.80
C PRO E 101 -0.26 17.29 10.06
N CYS E 102 -0.34 16.56 11.17
CA CYS E 102 -0.93 17.04 12.40
C CYS E 102 -0.01 17.07 13.58
N GLN E 103 -0.16 18.14 14.40
CA GLN E 103 0.56 18.36 15.66
C GLN E 103 -0.34 19.06 16.75
N ARG E 104 -1.70 19.00 16.61
CA ARG E 104 -2.67 19.63 17.53
C ARG E 104 -4.09 18.99 17.46
N GLU E 105 -5.13 19.73 17.95
CA GLU E 105 -6.56 19.38 17.96
C GLU E 105 -7.31 20.19 16.86
N ALA E 110 -12.76 23.35 20.01
CA ALA E 110 -12.56 24.17 18.82
C ALA E 110 -13.11 23.50 17.52
N GLU E 111 -13.43 24.33 16.51
CA GLU E 111 -13.97 23.90 15.21
C GLU E 111 -12.82 23.45 14.29
N ALA E 112 -12.82 22.15 13.90
CA ALA E 112 -11.82 21.53 13.03
C ALA E 112 -11.78 22.19 11.65
N LYS E 113 -10.57 22.62 11.21
CA LYS E 113 -10.37 23.25 9.89
C LYS E 113 -9.49 22.39 8.92
N PRO E 114 -9.83 22.36 7.60
CA PRO E 114 -9.09 21.52 6.64
C PRO E 114 -7.63 21.90 6.42
N TRP E 115 -6.76 20.88 6.25
CA TRP E 115 -5.33 21.07 5.96
C TRP E 115 -5.04 20.51 4.57
N TYR E 116 -4.01 21.05 3.89
CA TYR E 116 -3.58 20.59 2.56
C TYR E 116 -2.10 20.30 2.60
N GLU E 117 -1.66 19.13 2.09
CA GLU E 117 -0.25 18.71 2.12
C GLU E 117 0.25 18.10 0.82
N PRO E 118 1.08 18.85 0.04
CA PRO E 118 1.67 18.25 -1.16
C PRO E 118 2.97 17.45 -0.86
N ILE E 119 3.17 16.32 -1.63
CA ILE E 119 4.38 15.48 -1.57
C ILE E 119 4.98 15.39 -2.95
N TYR E 120 6.29 15.78 -3.08
CA TYR E 120 7.04 15.77 -4.35
C TYR E 120 8.12 14.76 -4.31
N LEU E 121 8.34 14.05 -5.44
CA LEU E 121 9.42 13.06 -5.64
C LEU E 121 9.93 13.23 -7.05
N GLY E 122 11.22 13.00 -7.24
CA GLY E 122 11.90 13.12 -8.53
C GLY E 122 13.36 12.71 -8.42
N GLY E 123 13.87 12.11 -9.48
CA GLY E 123 15.24 11.62 -9.53
C GLY E 123 15.61 10.94 -10.82
N VAL E 124 16.93 10.77 -11.04
CA VAL E 124 17.48 10.14 -12.25
C VAL E 124 17.85 8.71 -11.96
N PHE E 125 17.39 7.79 -12.81
CA PHE E 125 17.59 6.36 -12.61
C PHE E 125 17.97 5.64 -13.89
N GLN E 126 18.86 4.63 -13.75
CA GLN E 126 19.21 3.75 -14.86
C GLN E 126 18.12 2.64 -14.86
N LEU E 127 17.39 2.52 -15.95
CA LEU E 127 16.29 1.55 -16.04
C LEU E 127 16.51 0.61 -17.21
N GLU E 128 15.87 -0.59 -17.15
CA GLU E 128 15.93 -1.63 -18.19
C GLU E 128 14.62 -1.74 -19.00
N LYS E 129 14.69 -2.24 -20.25
CA LYS E 129 13.52 -2.44 -21.12
C LYS E 129 12.53 -3.37 -20.42
N GLY E 130 11.25 -2.96 -20.36
CA GLY E 130 10.18 -3.71 -19.71
C GLY E 130 9.98 -3.47 -18.22
N ASP E 131 10.84 -2.64 -17.57
CA ASP E 131 10.64 -2.31 -16.16
C ASP E 131 9.31 -1.55 -16.01
N ARG E 132 8.70 -1.68 -14.84
CA ARG E 132 7.41 -1.08 -14.57
C ARG E 132 7.56 -0.16 -13.41
N LEU E 133 7.03 1.04 -13.54
CA LEU E 133 7.12 2.04 -12.48
C LEU E 133 5.78 2.36 -11.96
N SER E 134 5.64 2.44 -10.65
CA SER E 134 4.35 2.76 -10.06
C SER E 134 4.47 3.86 -9.02
N ALA E 135 3.48 4.76 -8.97
CA ALA E 135 3.43 5.86 -8.00
C ALA E 135 2.23 5.60 -7.12
N GLU E 136 2.47 5.36 -5.82
CA GLU E 136 1.45 4.98 -4.87
C GLU E 136 1.41 5.85 -3.64
N ILE E 137 0.22 5.93 -2.99
CA ILE E 137 -0.03 6.66 -1.74
C ILE E 137 -0.73 5.75 -0.74
N ASN E 138 -0.44 5.87 0.56
CA ASN E 138 -1.06 5.05 1.61
C ASN E 138 -2.48 5.51 1.99
N ARG E 139 -2.80 6.79 1.73
CA ARG E 139 -4.09 7.40 2.06
C ARG E 139 -4.79 7.96 0.81
N PRO E 140 -5.37 7.09 -0.06
CA PRO E 140 -6.09 7.62 -1.24
C PRO E 140 -7.43 8.25 -0.85
N ASP E 141 -7.87 8.01 0.39
CA ASP E 141 -9.11 8.60 0.90
C ASP E 141 -8.91 10.13 1.15
N TYR E 142 -7.62 10.59 1.18
CA TYR E 142 -7.21 11.96 1.42
C TYR E 142 -6.73 12.66 0.15
N LEU E 143 -6.63 11.93 -0.98
CA LEU E 143 -6.20 12.49 -2.27
C LEU E 143 -7.10 13.69 -2.63
N ASP E 144 -6.47 14.80 -3.11
CA ASP E 144 -7.19 16.01 -3.43
C ASP E 144 -6.82 16.65 -4.76
N PHE E 145 -7.78 17.30 -5.42
CA PHE E 145 -7.51 17.97 -6.69
C PHE E 145 -7.56 19.53 -6.63
N ALA E 146 -7.29 20.14 -5.43
CA ALA E 146 -7.26 21.60 -5.27
C ALA E 146 -5.95 22.20 -5.80
N GLU E 147 -5.91 23.57 -5.93
CA GLU E 147 -4.83 24.41 -6.46
C GLU E 147 -3.57 24.39 -5.60
N SER E 148 -3.62 23.76 -4.42
CA SER E 148 -2.50 23.65 -3.47
C SER E 148 -1.35 22.77 -4.01
N GLY E 149 -1.73 21.91 -4.92
CA GLY E 149 -0.85 21.00 -5.61
C GLY E 149 -1.40 20.60 -6.97
N GLN E 150 -0.97 19.43 -7.42
CA GLN E 150 -1.37 18.83 -8.68
C GLN E 150 -1.03 17.40 -8.58
N VAL E 151 -1.83 16.51 -9.15
CA VAL E 151 -1.54 15.06 -9.05
C VAL E 151 -1.10 14.55 -10.41
N TYR E 152 0.20 14.20 -10.50
CA TYR E 152 0.82 13.65 -11.72
C TYR E 152 1.95 12.67 -11.41
N PHE E 153 2.40 11.97 -12.44
CA PHE E 153 3.49 10.99 -12.45
C PHE E 153 4.05 10.99 -13.89
N GLY E 154 5.37 11.01 -14.02
CA GLY E 154 5.95 11.03 -15.36
C GLY E 154 7.36 10.50 -15.47
N ILE E 155 7.78 10.20 -16.72
CA ILE E 155 9.14 9.76 -17.03
C ILE E 155 9.65 10.47 -18.25
N ILE E 156 10.90 10.97 -18.17
CA ILE E 156 11.53 11.63 -19.31
C ILE E 156 12.92 10.95 -19.54
N ALA E 157 13.12 10.36 -20.74
CA ALA E 157 14.44 9.80 -21.07
C ALA E 157 15.43 10.97 -21.21
N LEU E 158 16.59 10.86 -20.54
CA LEU E 158 17.64 11.87 -20.61
C LEU E 158 18.55 11.64 -21.84
N PRO F 9 22.64 6.03 -26.10
CA PRO F 9 22.90 6.41 -24.71
C PRO F 9 23.11 7.93 -24.52
N SER F 10 22.74 8.47 -23.33
CA SER F 10 22.84 9.90 -23.02
C SER F 10 24.27 10.39 -22.86
N ASP F 11 24.52 11.59 -23.37
CA ASP F 11 25.81 12.26 -23.39
C ASP F 11 25.95 13.34 -22.33
N LYS F 12 24.84 13.88 -21.86
CA LYS F 12 24.78 14.98 -20.88
C LYS F 12 25.11 14.54 -19.44
N PRO F 13 25.95 15.32 -18.69
CA PRO F 13 26.28 14.96 -17.30
C PRO F 13 25.08 14.84 -16.36
N VAL F 14 24.93 13.69 -15.68
CA VAL F 14 23.85 13.40 -14.71
C VAL F 14 24.40 12.69 -13.47
N ALA F 15 23.68 12.79 -12.35
CA ALA F 15 24.03 12.16 -11.09
C ALA F 15 22.80 12.03 -10.19
N HIS F 16 22.71 10.91 -9.45
CA HIS F 16 21.69 10.63 -8.44
C HIS F 16 22.41 9.88 -7.31
N VAL F 17 22.63 10.56 -6.20
CA VAL F 17 23.34 10.01 -5.05
C VAL F 17 22.40 9.85 -3.89
N VAL F 18 22.61 8.83 -3.08
CA VAL F 18 21.73 8.50 -1.96
C VAL F 18 22.51 8.48 -0.66
N ALA F 19 21.86 8.74 0.46
CA ALA F 19 22.52 8.74 1.76
C ALA F 19 22.98 7.32 2.14
N ASN F 20 24.05 7.25 2.96
CA ASN F 20 24.58 5.98 3.45
C ASN F 20 23.80 5.62 4.72
N PRO F 21 23.05 4.48 4.71
CA PRO F 21 22.29 4.09 5.91
C PRO F 21 23.14 3.49 7.02
N GLN F 22 24.46 3.38 6.80
CA GLN F 22 25.42 2.85 7.77
C GLN F 22 26.23 3.97 8.47
N ALA F 23 26.20 5.19 7.91
CA ALA F 23 26.92 6.35 8.43
C ALA F 23 26.02 7.09 9.44
N GLU F 24 25.70 6.44 10.59
CA GLU F 24 24.81 6.97 11.62
C GLU F 24 25.24 8.34 12.16
N GLY F 25 24.24 9.20 12.33
CA GLY F 25 24.36 10.57 12.81
C GLY F 25 25.01 11.50 11.81
N GLN F 26 25.08 11.06 10.52
CA GLN F 26 25.68 11.84 9.45
C GLN F 26 25.05 11.61 8.06
N LEU F 27 25.17 12.67 7.21
CA LEU F 27 24.68 12.65 5.85
C LEU F 27 25.85 12.44 4.89
N GLN F 28 26.10 11.16 4.56
CA GLN F 28 27.18 10.81 3.66
C GLN F 28 26.58 10.29 2.35
N TRP F 29 26.88 10.96 1.22
CA TRP F 29 26.35 10.60 -0.10
C TRP F 29 27.13 9.48 -0.80
N LEU F 30 26.41 8.62 -1.53
CA LEU F 30 26.99 7.50 -2.27
C LEU F 30 26.37 7.29 -3.64
N ASN F 31 27.22 6.85 -4.57
CA ASN F 31 26.89 6.28 -5.87
C ASN F 31 27.44 4.87 -5.59
N ARG F 32 27.43 3.93 -6.57
CA ARG F 32 27.96 2.57 -6.30
C ARG F 32 27.11 1.88 -5.17
N ARG F 33 25.79 2.01 -5.35
CA ARG F 33 24.70 1.41 -4.60
C ARG F 33 23.68 0.98 -5.66
N ALA F 34 22.78 0.05 -5.30
CA ALA F 34 21.76 -0.54 -6.17
C ALA F 34 21.03 0.44 -7.13
N ASN F 35 20.62 1.66 -6.66
CA ASN F 35 19.89 2.59 -7.54
C ASN F 35 20.48 4.06 -7.64
N ALA F 36 21.75 4.24 -7.21
CA ALA F 36 22.48 5.50 -7.28
C ALA F 36 23.45 5.47 -8.48
N LEU F 37 23.92 6.65 -8.97
CA LEU F 37 24.80 6.73 -10.15
C LEU F 37 25.47 8.08 -10.34
N LEU F 38 26.59 8.06 -11.09
CA LEU F 38 27.34 9.21 -11.58
C LEU F 38 27.57 8.88 -13.05
N ALA F 39 27.34 9.84 -13.94
CA ALA F 39 27.50 9.60 -15.36
C ALA F 39 27.99 10.84 -16.09
N ASN F 40 28.68 10.61 -17.22
CA ASN F 40 29.21 11.62 -18.13
C ASN F 40 30.02 12.73 -17.44
N GLY F 41 30.97 12.33 -16.60
CA GLY F 41 31.89 13.27 -15.98
C GLY F 41 31.61 13.78 -14.60
N VAL F 42 30.42 13.47 -14.05
CA VAL F 42 30.10 13.97 -12.70
C VAL F 42 30.90 13.14 -11.71
N GLU F 43 31.56 13.81 -10.77
CA GLU F 43 32.38 13.13 -9.76
C GLU F 43 31.88 13.43 -8.35
N LEU F 44 31.96 12.45 -7.45
CA LEU F 44 31.61 12.61 -6.04
C LEU F 44 32.97 12.67 -5.33
N ARG F 45 33.43 13.88 -4.93
CA ARG F 45 34.78 14.00 -4.37
C ARG F 45 34.83 14.11 -2.84
N ASP F 46 34.35 15.21 -2.24
CA ASP F 46 34.45 15.35 -0.78
C ASP F 46 33.07 15.57 -0.22
N ASN F 47 32.19 14.58 -0.44
CA ASN F 47 30.75 14.54 -0.10
C ASN F 47 30.01 15.61 -0.95
N GLN F 48 30.60 15.96 -2.10
CA GLN F 48 30.08 16.98 -3.00
C GLN F 48 30.06 16.48 -4.42
N LEU F 49 29.07 16.94 -5.18
CA LEU F 49 28.98 16.62 -6.61
C LEU F 49 29.86 17.63 -7.35
N VAL F 50 30.74 17.14 -8.25
CA VAL F 50 31.69 17.95 -9.00
C VAL F 50 31.22 18.09 -10.43
N VAL F 51 31.04 19.34 -10.84
CA VAL F 51 30.56 19.72 -12.18
C VAL F 51 31.67 19.50 -13.24
N PRO F 52 31.42 18.69 -14.29
CA PRO F 52 32.46 18.49 -15.33
C PRO F 52 32.58 19.59 -16.37
N SER F 53 31.49 20.34 -16.63
CA SER F 53 31.49 21.40 -17.65
C SER F 53 30.55 22.56 -17.33
N GLU F 54 30.81 23.74 -17.94
CA GLU F 54 29.97 24.94 -17.78
C GLU F 54 28.59 24.68 -18.42
N GLY F 55 27.56 25.27 -17.84
CA GLY F 55 26.22 25.11 -18.39
C GLY F 55 25.10 25.20 -17.38
N LEU F 56 23.89 25.01 -17.87
CA LEU F 56 22.70 25.03 -17.03
C LEU F 56 22.46 23.64 -16.50
N TYR F 57 22.17 23.55 -15.20
CA TYR F 57 21.92 22.29 -14.52
C TYR F 57 20.64 22.34 -13.72
N LEU F 58 19.88 21.23 -13.78
CA LEU F 58 18.68 21.04 -12.96
C LEU F 58 19.22 20.38 -11.70
N ILE F 59 19.00 21.01 -10.56
CA ILE F 59 19.48 20.46 -9.30
C ILE F 59 18.24 20.08 -8.50
N TYR F 60 18.29 18.98 -7.76
CA TYR F 60 17.21 18.52 -6.90
C TYR F 60 17.76 17.72 -5.72
N SER F 61 16.95 17.60 -4.66
CA SER F 61 17.28 16.87 -3.45
C SER F 61 16.07 16.63 -2.58
N GLN F 62 16.14 15.60 -1.75
CA GLN F 62 15.16 15.29 -0.72
C GLN F 62 15.87 14.74 0.52
N VAL F 63 15.41 15.12 1.69
CA VAL F 63 15.88 14.63 2.98
C VAL F 63 14.64 14.34 3.83
N LEU F 64 14.68 13.31 4.65
CA LEU F 64 13.55 12.99 5.52
C LEU F 64 13.99 13.05 6.97
N PHE F 65 13.23 13.78 7.80
CA PHE F 65 13.50 13.93 9.24
C PHE F 65 12.45 13.18 10.06
N LYS F 66 12.91 12.49 11.12
CA LYS F 66 12.05 11.73 12.01
C LYS F 66 12.48 11.94 13.45
N GLY F 67 11.52 12.25 14.30
CA GLY F 67 11.73 12.43 15.73
C GLY F 67 10.66 11.70 16.50
N GLN F 68 10.99 11.26 17.73
CA GLN F 68 10.06 10.59 18.63
C GLN F 68 9.86 11.63 19.73
N GLY F 69 8.64 12.16 19.86
CA GLY F 69 8.34 13.20 20.83
C GLY F 69 8.89 14.57 20.48
N CYS F 70 8.38 15.59 21.18
CA CYS F 70 8.76 16.98 20.96
C CYS F 70 9.39 17.68 22.19
N PRO F 71 10.72 17.97 22.15
CA PRO F 71 11.36 18.70 23.26
C PRO F 71 11.20 20.22 23.16
N VAL F 75 12.42 23.61 18.21
CA VAL F 75 13.16 22.78 17.24
C VAL F 75 13.07 23.37 15.82
N LEU F 76 14.16 23.27 15.02
CA LEU F 76 14.24 23.78 13.65
C LEU F 76 15.08 22.89 12.78
N LEU F 77 14.56 22.59 11.56
CA LEU F 77 15.27 21.71 10.63
C LEU F 77 15.49 22.46 9.35
N THR F 78 16.75 22.60 8.97
CA THR F 78 17.12 23.29 7.74
C THR F 78 17.83 22.33 6.78
N HIS F 79 17.62 22.54 5.47
CA HIS F 79 18.21 21.76 4.39
C HIS F 79 18.59 22.73 3.27
N THR F 80 19.87 22.69 2.89
CA THR F 80 20.44 23.65 1.94
C THR F 80 21.26 23.01 0.85
N ILE F 81 21.11 23.51 -0.39
CA ILE F 81 21.92 23.15 -1.53
C ILE F 81 22.80 24.36 -1.80
N SER F 82 24.14 24.18 -1.72
CA SER F 82 25.13 25.25 -1.89
C SER F 82 26.07 24.99 -3.03
N ARG F 83 26.63 26.07 -3.57
CA ARG F 83 27.59 26.10 -4.66
C ARG F 83 29.00 26.50 -4.15
N ILE F 84 30.06 25.89 -4.69
CA ILE F 84 31.44 26.26 -4.36
C ILE F 84 32.16 26.59 -5.67
N ALA F 85 32.62 27.84 -5.78
CA ALA F 85 33.34 28.37 -6.93
C ALA F 85 34.79 27.88 -6.90
N VAL F 86 35.23 27.18 -7.98
CA VAL F 86 36.56 26.59 -8.18
C VAL F 86 37.71 27.64 -8.08
N SER F 87 37.55 28.79 -8.77
CA SER F 87 38.50 29.91 -8.85
C SER F 87 38.55 30.82 -7.60
N TYR F 88 37.71 30.55 -6.58
CA TYR F 88 37.68 31.41 -5.40
C TYR F 88 37.66 30.70 -4.03
N GLN F 89 37.06 29.48 -3.93
CA GLN F 89 36.88 28.73 -2.68
C GLN F 89 35.98 29.56 -1.70
N THR F 90 34.65 29.58 -2.02
CA THR F 90 33.55 30.27 -1.32
C THR F 90 32.26 29.44 -1.41
N LYS F 91 31.31 29.62 -0.45
CA LYS F 91 30.06 28.87 -0.42
C LYS F 91 28.79 29.73 -0.50
N VAL F 92 28.12 29.71 -1.68
CA VAL F 92 26.87 30.42 -2.02
C VAL F 92 25.65 29.50 -1.84
N ASN F 93 24.61 29.96 -1.11
CA ASN F 93 23.35 29.19 -0.97
C ASN F 93 22.51 29.33 -2.25
N LEU F 94 22.11 28.20 -2.83
CA LEU F 94 21.28 28.16 -4.04
C LEU F 94 19.79 27.96 -3.69
N LEU F 95 19.48 26.93 -2.87
CA LEU F 95 18.14 26.53 -2.42
C LEU F 95 18.24 26.21 -0.97
N SER F 96 17.26 26.63 -0.20
CA SER F 96 17.26 26.39 1.24
C SER F 96 15.83 26.37 1.77
N ALA F 97 15.56 25.57 2.81
CA ALA F 97 14.23 25.48 3.42
C ALA F 97 14.32 25.21 4.90
N ILE F 98 13.38 25.74 5.66
CA ILE F 98 13.32 25.58 7.12
C ILE F 98 11.96 25.00 7.47
N LYS F 99 11.92 24.06 8.46
CA LYS F 99 10.70 23.44 8.95
C LYS F 99 10.70 23.29 10.46
N SER F 100 9.55 23.61 11.09
CA SER F 100 9.33 23.50 12.53
C SER F 100 8.39 22.29 12.76
N PRO F 101 8.94 21.11 13.09
CA PRO F 101 8.09 19.93 13.28
C PRO F 101 7.32 19.90 14.58
N CYS F 102 7.68 20.76 15.55
CA CYS F 102 7.09 20.69 16.87
C CYS F 102 6.24 21.89 17.29
N GLN F 103 5.18 21.53 18.04
CA GLN F 103 4.16 22.38 18.64
C GLN F 103 3.89 21.81 20.07
N ARG F 104 4.90 21.91 20.97
CA ARG F 104 4.92 21.46 22.38
C ARG F 104 4.99 19.94 22.53
N ALA F 112 4.71 8.29 23.07
CA ALA F 112 5.94 8.72 22.40
C ALA F 112 5.67 9.69 21.24
N LYS F 113 4.76 9.30 20.31
CA LYS F 113 4.29 10.06 19.13
C LYS F 113 5.41 10.44 18.09
N PRO F 114 5.87 9.49 17.22
CA PRO F 114 6.88 9.85 16.20
C PRO F 114 6.34 10.71 15.06
N TRP F 115 7.08 11.79 14.71
CA TRP F 115 6.74 12.72 13.63
C TRP F 115 7.70 12.53 12.43
N TYR F 116 7.25 12.91 11.22
CA TYR F 116 8.03 12.78 9.97
C TYR F 116 7.94 14.07 9.19
N GLU F 117 9.07 14.57 8.71
CA GLU F 117 9.11 15.81 7.95
C GLU F 117 10.04 15.74 6.75
N PRO F 118 9.49 15.66 5.52
CA PRO F 118 10.37 15.67 4.34
C PRO F 118 10.63 17.10 3.86
N ILE F 119 11.81 17.35 3.24
CA ILE F 119 12.15 18.63 2.61
C ILE F 119 12.65 18.33 1.22
N TYR F 120 11.93 18.79 0.19
CA TYR F 120 12.30 18.62 -1.22
C TYR F 120 12.61 19.98 -1.85
N LEU F 121 13.82 20.08 -2.44
CA LEU F 121 14.34 21.28 -3.10
C LEU F 121 14.68 20.99 -4.55
N GLY F 122 14.56 21.99 -5.38
CA GLY F 122 14.85 21.86 -6.80
C GLY F 122 14.82 23.18 -7.54
N GLY F 123 15.57 23.23 -8.64
CA GLY F 123 15.68 24.42 -9.48
C GLY F 123 16.65 24.26 -10.61
N VAL F 124 16.76 25.30 -11.44
CA VAL F 124 17.70 25.38 -12.57
C VAL F 124 18.75 26.42 -12.20
N PHE F 125 20.04 26.06 -12.35
CA PHE F 125 21.16 26.95 -12.02
C PHE F 125 22.27 26.92 -13.03
N GLN F 126 22.93 28.06 -13.22
CA GLN F 126 24.09 28.18 -14.12
C GLN F 126 25.31 27.81 -13.28
N LEU F 127 26.02 26.74 -13.71
CA LEU F 127 27.23 26.25 -13.03
C LEU F 127 28.47 26.29 -13.96
N GLU F 128 29.67 26.33 -13.34
CA GLU F 128 30.97 26.36 -14.03
C GLU F 128 31.73 25.05 -13.85
N LYS F 129 32.68 24.74 -14.77
CA LYS F 129 33.53 23.54 -14.69
C LYS F 129 34.32 23.58 -13.39
N GLY F 130 34.28 22.48 -12.65
CA GLY F 130 34.99 22.40 -11.38
C GLY F 130 34.22 22.92 -10.18
N ASP F 131 32.96 23.34 -10.40
CA ASP F 131 32.10 23.79 -9.33
C ASP F 131 31.70 22.57 -8.51
N ARG F 132 31.62 22.74 -7.20
CA ARG F 132 31.23 21.67 -6.29
C ARG F 132 29.91 22.00 -5.60
N LEU F 133 28.99 21.03 -5.58
CA LEU F 133 27.66 21.19 -4.98
C LEU F 133 27.51 20.31 -3.78
N SER F 134 27.05 20.91 -2.68
CA SER F 134 26.80 20.18 -1.46
C SER F 134 25.31 20.28 -1.07
N ALA F 135 24.74 19.21 -0.51
CA ALA F 135 23.38 19.17 0.00
C ALA F 135 23.55 18.82 1.46
N GLU F 136 23.30 19.80 2.34
CA GLU F 136 23.54 19.66 3.78
C GLU F 136 22.30 19.92 4.59
N ILE F 137 22.30 19.41 5.83
CA ILE F 137 21.24 19.57 6.82
C ILE F 137 21.85 20.04 8.14
N ASN F 138 21.03 20.60 9.04
CA ASN F 138 21.49 21.05 10.36
C ASN F 138 21.33 19.93 11.45
N ARG F 139 20.37 19.01 11.26
CA ARG F 139 20.10 17.97 12.24
C ARG F 139 20.28 16.56 11.67
N PRO F 140 21.55 16.05 11.55
CA PRO F 140 21.75 14.68 11.04
C PRO F 140 21.31 13.59 12.00
N ASP F 141 21.08 13.96 13.26
CA ASP F 141 20.59 13.07 14.31
C ASP F 141 19.12 12.72 14.09
N TYR F 142 18.40 13.55 13.29
CA TYR F 142 16.99 13.38 12.91
C TYR F 142 16.81 12.72 11.53
N LEU F 143 17.87 12.64 10.71
CA LEU F 143 17.84 12.02 9.39
C LEU F 143 17.32 10.58 9.44
N ASP F 144 16.35 10.30 8.56
CA ASP F 144 15.68 9.00 8.44
C ASP F 144 16.04 8.34 7.10
N PHE F 145 16.93 7.33 7.17
CA PHE F 145 17.35 6.50 6.03
C PHE F 145 16.94 5.03 6.27
N ALA F 146 16.00 4.81 7.21
CA ALA F 146 15.41 3.52 7.57
C ALA F 146 14.98 2.67 6.36
N GLU F 147 14.58 3.30 5.26
CA GLU F 147 14.21 2.63 4.02
C GLU F 147 14.83 3.35 2.82
N SER F 148 14.85 2.68 1.67
CA SER F 148 15.42 3.21 0.43
C SER F 148 14.57 4.36 -0.17
N GLY F 149 15.24 5.19 -0.98
CA GLY F 149 14.70 6.33 -1.70
C GLY F 149 14.18 7.49 -0.88
N GLN F 150 14.59 7.60 0.39
CA GLN F 150 14.12 8.64 1.33
C GLN F 150 15.02 9.87 1.42
N VAL F 151 16.29 9.70 1.04
CA VAL F 151 17.31 10.74 1.11
C VAL F 151 18.16 10.62 -0.13
N TYR F 152 18.11 11.65 -0.99
CA TYR F 152 18.82 11.70 -2.27
C TYR F 152 19.15 13.12 -2.70
N PHE F 153 20.08 13.24 -3.64
CA PHE F 153 20.62 14.47 -4.22
C PHE F 153 21.05 14.17 -5.65
N GLY F 154 20.70 15.04 -6.59
CA GLY F 154 21.02 14.81 -7.98
C GLY F 154 21.12 16.05 -8.84
N ILE F 155 21.71 15.91 -10.04
CA ILE F 155 21.89 16.99 -11.02
C ILE F 155 21.70 16.44 -12.43
N ILE F 156 21.16 17.26 -13.34
CA ILE F 156 20.96 16.90 -14.74
C ILE F 156 21.40 18.09 -15.57
N ALA F 157 22.31 17.90 -16.51
CA ALA F 157 22.71 19.00 -17.37
C ALA F 157 21.61 19.18 -18.39
N LEU F 158 21.29 20.45 -18.70
CA LEU F 158 20.29 20.81 -19.68
C LEU F 158 20.89 20.78 -21.11
N1 UTM G . -22.41 -15.90 7.66
N3 UTM G . -13.86 -15.37 6.57
C4 UTM G . -20.35 -15.89 6.24
C5 UTM G . -19.74 -14.91 5.47
C6 UTM G . -18.36 -14.80 5.39
C7 UTM G . -17.54 -15.67 6.10
C8 UTM G . -18.15 -16.66 6.90
C10 UTM G . -16.51 -19.46 8.61
C13 UTM G . -13.76 -18.98 6.04
C15 UTM G . -15.12 -20.84 5.35
C17 UTM G . -13.39 -19.97 3.75
C20 UTM G . -12.31 -19.95 1.16
C21 UTM G . -12.06 -21.07 1.99
C22 UTM G . -11.23 -22.15 1.57
C24 UTM G . -12.26 -22.22 4.09
C26 UTM G . -19.54 -16.77 6.96
C28 UTM G . -15.15 -15.46 7.05
C UTM G . -24.51 -15.02 11.19
N UTM G . -24.13 -14.98 9.78
C35 UTM G . -22.73 -14.53 9.64
C34 UTM G . -22.30 -14.55 8.20
C2 UTM G . -23.82 -16.28 7.70
C1 UTM G . -24.31 -16.29 9.14
C3 UTM G . -21.85 -16.01 6.31
C27 UTM G . -16.05 -15.53 6.01
C33 UTM G . -15.25 -15.44 4.79
C32 UTM G . -15.43 -15.42 3.40
N4 UTM G . -14.45 -15.33 2.48
C31 UTM G . -13.20 -15.26 2.93
C30 UTM G . -12.85 -15.26 4.27
C29 UTM G . -13.89 -15.34 5.19
O UTM G . -17.30 -17.44 7.63
C9 UTM G . -17.75 -18.71 8.16
C11 UTM G . -15.58 -19.71 7.45
C16 UTM G . -15.86 -20.72 6.51
C14 UTM G . -14.06 -19.95 5.08
C12 UTM G . -14.50 -18.87 7.20
C25 UTM G . -12.60 -21.09 3.32
N2 UTM G . -11.46 -23.22 3.69
C23 UTM G . -10.97 -23.16 2.45
C19 UTM G . -13.07 -18.91 1.60
C18 UTM G . -13.58 -18.91 2.89
N1 UTM H . 12.97 18.74 -17.52
N3 UTM H . 11.31 16.47 -9.40
C4 UTM H . 11.44 18.56 -15.54
C5 UTM H . 10.34 17.78 -15.19
C6 UTM H . 10.18 17.34 -13.88
C7 UTM H . 11.12 17.65 -12.90
C8 UTM H . 12.23 18.45 -13.27
C10 UTM H . 14.32 20.41 -11.01
C13 UTM H . 11.46 19.95 -8.56
C15 UTM H . 11.58 22.27 -9.16
C17 UTM H . 9.60 21.49 -7.81
C20 UTM H . 7.05 21.86 -6.69
C21 UTM H . 8.14 22.61 -6.17
C22 UTM H . 7.97 23.55 -5.11
C24 UTM H . 10.46 23.24 -6.16
C26 UTM H . 12.38 18.90 -14.58
C28 UTM H . 11.85 16.68 -10.64
C UTM H . 16.19 17.46 -19.93
N UTM H . 14.83 17.68 -19.45
C35 UTM H . 14.65 17.07 -18.13
C34 UTM H . 13.25 17.30 -17.62
C2 UTM H . 13.13 19.34 -18.85
C1 UTM H . 14.53 19.11 -19.38
C3 UTM H . 11.64 18.99 -16.98
C27 UTM H . 10.91 17.16 -11.50
C33 UTM H . 9.66 17.24 -10.73
C32 UTM H . 8.32 17.59 -10.90
N4 UTM H . 7.37 17.54 -9.95
C31 UTM H . 7.73 17.13 -8.73
C30 UTM H . 9.01 16.75 -8.40
C29 UTM H . 9.98 16.81 -9.42
O UTM H . 13.14 18.76 -12.30
C9 UTM H . 13.88 19.99 -12.41
C11 UTM H . 13.19 20.71 -10.07
C16 UTM H . 12.68 22.00 -9.95
C14 UTM H . 10.93 21.25 -8.47
C12 UTM H . 12.57 19.70 -9.35
C25 UTM H . 9.45 22.42 -6.73
N2 UTM H . 10.28 24.12 -5.17
C23 UTM H . 9.04 24.25 -4.67
C19 UTM H . 7.23 21.00 -7.73
C18 UTM H . 8.48 20.82 -8.29
#